data_4EC4
#
_entry.id   4EC4
#
_cell.length_a   65.420
_cell.length_b   130.490
_cell.length_c   215.730
_cell.angle_alpha   90.00
_cell.angle_beta   90.00
_cell.angle_gamma   90.00
#
_symmetry.space_group_name_H-M   'P 21 21 21'
#
loop_
_entity.id
_entity.type
_entity.pdbx_description
1 polymer 'Baculoviral IAP repeat-containing protein 4'
2 non-polymer 'ZINC ION'
3 non-polymer "(3S,6S,7S,9aS,3'S,6'S,7'S,9a'S)-N,N'-(benzene-1,4-diylbis{butane-4,1-diyl-1H-1,2,3-triazole-1,4-diyl[(S)-phenylmethanediyl]})bis[7-(hydroxymethyl)-6-{[(2S)-2-(methylamino)butanoyl]amino}-5-oxooctahydro-1H-pyrrolo[1,2-a]azepine-3-carboxamide]"
4 non-polymer 3,6,9,12,15,18-HEXAOXAICOSANE-1,20-DIOL
5 non-polymer 'NONAETHYLENE GLYCOL'
6 water water
#
_entity_poly.entity_id   1
_entity_poly.type   'polypeptide(L)'
_entity_poly.pdbx_seq_one_letter_code
;SDAVSSDRNFPNSTNLPRNPSMADYEARIFTFGTWIYSVNKEQLARAGFYALGEGDKVKCFHCGGGLTDWKPSEDPWEQH
AKWYPGCKYLLEQKGQEYINNIHLTHSLEECLVRTTHHHHHH
;
_entity_poly.pdbx_strand_id   A,B,C,D,E,J,F,G,K,L
#
# COMPACT_ATOMS: atom_id res chain seq x y z
N SER A 6 24.70 -4.54 -8.98
CA SER A 6 25.49 -5.77 -9.31
C SER A 6 24.62 -7.01 -9.21
N ASP A 7 23.77 -7.03 -8.18
CA ASP A 7 23.00 -8.21 -7.74
C ASP A 7 23.80 -9.53 -7.81
N ARG A 8 24.91 -9.54 -7.08
CA ARG A 8 25.87 -10.64 -7.02
C ARG A 8 25.16 -11.92 -6.65
N ASN A 9 25.75 -13.05 -7.03
CA ASN A 9 25.16 -14.35 -6.77
C ASN A 9 25.14 -14.75 -5.31
N PHE A 10 26.23 -14.42 -4.63
CA PHE A 10 26.37 -14.77 -3.24
C PHE A 10 25.40 -13.96 -2.40
N PRO A 11 24.55 -14.65 -1.62
CA PRO A 11 23.51 -13.98 -0.83
C PRO A 11 24.05 -13.13 0.32
N ASN A 12 23.16 -12.57 1.13
CA ASN A 12 23.52 -11.67 2.22
C ASN A 12 23.03 -12.18 3.56
N SER A 13 23.97 -12.80 4.29
CA SER A 13 23.69 -13.40 5.59
C SER A 13 24.07 -12.51 6.79
N THR A 14 24.50 -11.29 6.50
CA THR A 14 24.60 -10.24 7.52
C THR A 14 23.21 -9.70 7.79
N ASN A 15 23.15 -8.63 8.57
CA ASN A 15 21.86 -8.02 8.92
C ASN A 15 21.42 -6.84 8.05
N LEU A 16 22.33 -6.28 7.23
CA LEU A 16 21.96 -5.18 6.33
C LEU A 16 21.21 -5.69 5.10
N PRO A 17 19.92 -5.30 4.94
CA PRO A 17 19.10 -5.79 3.83
C PRO A 17 19.67 -5.32 2.51
N ARG A 18 19.99 -6.28 1.64
CA ARG A 18 20.58 -5.99 0.32
C ARG A 18 19.84 -4.85 -0.36
N ASN A 19 18.57 -5.09 -0.65
CA ASN A 19 17.71 -4.11 -1.27
C ASN A 19 16.79 -3.55 -0.21
N PRO A 20 17.16 -2.39 0.37
CA PRO A 20 16.44 -1.95 1.56
C PRO A 20 15.12 -1.30 1.17
N SER A 21 15.03 -0.79 -0.06
CA SER A 21 13.82 -0.14 -0.54
C SER A 21 12.59 -1.07 -0.53
N MET A 22 12.80 -2.34 -0.22
CA MET A 22 11.72 -3.34 -0.16
C MET A 22 11.56 -3.96 1.22
N ALA A 23 12.06 -3.26 2.24
CA ALA A 23 11.93 -3.70 3.65
C ALA A 23 10.51 -3.49 4.16
N ASP A 24 9.78 -2.62 3.46
CA ASP A 24 8.35 -2.43 3.69
C ASP A 24 7.49 -3.55 3.06
N TYR A 25 6.56 -4.09 3.85
CA TYR A 25 5.62 -5.09 3.36
C TYR A 25 4.77 -4.59 2.17
N GLU A 26 4.09 -3.45 2.37
CA GLU A 26 3.13 -2.89 1.38
C GLU A 26 3.79 -2.55 0.03
N ALA A 27 5.08 -2.21 0.07
CA ALA A 27 5.90 -1.98 -1.11
C ALA A 27 6.07 -3.26 -1.92
N ARG A 28 5.99 -4.40 -1.22
CA ARG A 28 6.20 -5.72 -1.80
C ARG A 28 4.94 -6.30 -2.41
N ILE A 29 3.84 -6.34 -1.66
CA ILE A 29 2.60 -6.90 -2.23
C ILE A 29 2.17 -6.15 -3.48
N PHE A 30 2.70 -4.94 -3.67
CA PHE A 30 2.43 -4.11 -4.85
C PHE A 30 3.06 -4.74 -6.05
N THR A 31 4.27 -5.29 -5.86
CA THR A 31 4.99 -5.94 -6.95
C THR A 31 4.28 -7.21 -7.45
N PHE A 32 3.30 -7.68 -6.67
CA PHE A 32 2.51 -8.85 -7.07
C PHE A 32 1.17 -8.45 -7.72
N GLY A 33 1.12 -7.23 -8.24
CA GLY A 33 -0.06 -6.72 -8.95
C GLY A 33 -0.45 -7.56 -10.15
N THR A 34 0.55 -8.07 -10.86
CA THR A 34 0.36 -8.81 -12.11
C THR A 34 0.65 -10.30 -11.97
N TRP A 35 0.68 -10.77 -10.73
CA TRP A 35 1.04 -12.15 -10.37
C TRP A 35 -0.03 -13.14 -10.83
N ILE A 36 0.31 -13.92 -11.86
CA ILE A 36 -0.60 -14.94 -12.39
C ILE A 36 -0.32 -16.30 -11.79
N TYR A 37 0.87 -16.47 -11.25
CA TYR A 37 1.34 -17.76 -10.76
C TYR A 37 0.61 -18.19 -9.49
N SER A 38 0.58 -19.50 -9.24
CA SER A 38 -0.26 -20.04 -8.16
C SER A 38 0.49 -20.35 -6.87
N VAL A 39 1.12 -19.32 -6.30
CA VAL A 39 1.44 -19.31 -4.87
C VAL A 39 0.88 -18.01 -4.27
N ASN A 40 0.55 -18.06 -2.99
CA ASN A 40 -0.17 -16.99 -2.31
C ASN A 40 0.75 -15.79 -2.18
N LYS A 41 0.35 -14.68 -2.78
CA LYS A 41 1.19 -13.49 -2.79
C LYS A 41 1.34 -12.77 -1.43
N GLU A 42 0.34 -12.95 -0.55
CA GLU A 42 0.39 -12.34 0.77
C GLU A 42 1.33 -13.14 1.70
N GLN A 43 1.30 -14.46 1.53
CA GLN A 43 2.20 -15.37 2.20
C GLN A 43 3.60 -15.16 1.65
N LEU A 44 3.69 -14.71 0.40
CA LEU A 44 4.96 -14.45 -0.26
C LEU A 44 5.68 -13.23 0.30
N ALA A 45 5.02 -12.08 0.27
CA ALA A 45 5.62 -10.82 0.73
C ALA A 45 6.00 -10.88 2.21
N ARG A 46 5.13 -11.51 3.01
CA ARG A 46 5.39 -11.68 4.43
C ARG A 46 6.63 -12.51 4.67
N ALA A 47 6.95 -13.38 3.69
CA ALA A 47 8.18 -14.19 3.73
C ALA A 47 9.40 -13.43 3.26
N GLY A 48 9.18 -12.21 2.75
CA GLY A 48 10.25 -11.28 2.45
C GLY A 48 10.54 -11.13 0.97
N PHE A 49 9.60 -11.51 0.13
CA PHE A 49 9.84 -11.53 -1.31
C PHE A 49 9.05 -10.48 -2.07
N TYR A 50 9.71 -9.88 -3.07
CA TYR A 50 9.06 -9.03 -4.08
C TYR A 50 9.24 -9.65 -5.46
N ALA A 51 8.34 -9.35 -6.38
CA ALA A 51 8.36 -9.99 -7.71
C ALA A 51 9.17 -9.20 -8.73
N LEU A 52 10.06 -9.89 -9.42
CA LEU A 52 10.94 -9.24 -10.40
C LEU A 52 10.25 -8.88 -11.69
N GLY A 53 9.01 -9.33 -11.87
CA GLY A 53 8.22 -8.92 -13.03
C GLY A 53 8.54 -9.61 -14.34
N GLU A 54 9.60 -10.43 -14.36
CA GLU A 54 9.90 -11.35 -15.48
C GLU A 54 9.66 -12.81 -15.03
N GLY A 55 8.76 -13.51 -15.73
CA GLY A 55 8.39 -14.87 -15.31
C GLY A 55 7.80 -14.91 -13.91
N ASP A 56 8.26 -15.87 -13.09
CA ASP A 56 7.78 -15.99 -11.71
C ASP A 56 8.92 -15.75 -10.72
N LYS A 57 9.98 -15.11 -11.19
CA LYS A 57 11.16 -14.84 -10.35
C LYS A 57 10.85 -13.86 -9.22
N VAL A 58 11.07 -14.31 -7.99
CA VAL A 58 11.08 -13.40 -6.86
C VAL A 58 12.47 -13.33 -6.24
N LYS A 59 12.81 -12.17 -5.71
CA LYS A 59 14.03 -12.00 -4.92
C LYS A 59 13.60 -11.76 -3.47
N CYS A 60 14.47 -12.10 -2.51
CA CYS A 60 14.25 -11.70 -1.12
C CYS A 60 14.80 -10.31 -0.93
N PHE A 61 14.15 -9.48 -0.11
CA PHE A 61 14.60 -8.12 0.08
C PHE A 61 15.83 -8.03 1.01
N HIS A 62 16.04 -9.06 1.82
CA HIS A 62 17.09 -9.00 2.84
C HIS A 62 18.36 -9.77 2.52
N CYS A 63 18.21 -10.95 1.94
CA CYS A 63 19.36 -11.77 1.57
C CYS A 63 19.61 -11.76 0.06
N GLY A 64 18.75 -11.08 -0.69
CA GLY A 64 18.92 -10.99 -2.14
C GLY A 64 18.78 -12.31 -2.86
N GLY A 65 18.15 -13.27 -2.20
CA GLY A 65 18.06 -14.62 -2.72
C GLY A 65 16.92 -14.74 -3.69
N GLY A 66 17.17 -15.38 -4.82
CA GLY A 66 16.15 -15.55 -5.83
C GLY A 66 15.53 -16.94 -5.89
N LEU A 67 14.26 -16.99 -6.30
CA LEU A 67 13.51 -18.25 -6.50
C LEU A 67 12.67 -18.26 -7.78
N THR A 68 12.56 -19.42 -8.40
CA THR A 68 11.81 -19.60 -9.65
C THR A 68 11.12 -20.94 -9.76
N ASP A 69 10.29 -21.07 -10.79
CA ASP A 69 9.59 -22.31 -11.11
C ASP A 69 8.81 -22.80 -9.90
N TRP A 70 8.04 -21.91 -9.30
CA TRP A 70 7.22 -22.28 -8.16
C TRP A 70 6.22 -23.33 -8.63
N LYS A 71 6.26 -24.52 -8.02
CA LYS A 71 5.19 -25.49 -8.23
C LYS A 71 3.96 -25.05 -7.42
N PRO A 72 2.74 -25.39 -7.89
CA PRO A 72 1.55 -24.75 -7.31
C PRO A 72 1.31 -25.15 -5.87
N SER A 73 1.00 -24.16 -5.04
CA SER A 73 0.75 -24.33 -3.59
C SER A 73 1.99 -24.68 -2.75
N GLU A 74 3.18 -24.34 -3.24
CA GLU A 74 4.41 -24.47 -2.47
C GLU A 74 4.41 -23.36 -1.41
N ASP A 75 5.16 -23.56 -0.32
CA ASP A 75 5.19 -22.55 0.73
C ASP A 75 6.38 -21.63 0.60
N PRO A 76 6.13 -20.32 0.44
CA PRO A 76 7.21 -19.32 0.40
C PRO A 76 8.14 -19.43 1.60
N TRP A 77 7.59 -19.70 2.77
CA TRP A 77 8.36 -19.77 4.00
C TRP A 77 9.28 -20.96 4.05
N GLU A 78 8.74 -22.12 3.73
CA GLU A 78 9.51 -23.34 3.70
C GLU A 78 10.60 -23.22 2.63
N GLN A 79 10.23 -22.63 1.48
CA GLN A 79 11.16 -22.48 0.36
C GLN A 79 12.29 -21.51 0.63
N HIS A 80 11.97 -20.43 1.36
CA HIS A 80 12.95 -19.44 1.73
C HIS A 80 14.08 -20.12 2.49
N ALA A 81 13.70 -20.96 3.45
CA ALA A 81 14.62 -21.59 4.42
C ALA A 81 15.41 -22.79 3.85
N LYS A 82 14.82 -23.45 2.86
CA LYS A 82 15.45 -24.55 2.15
C LYS A 82 16.73 -24.05 1.48
N TRP A 83 16.61 -23.00 0.67
CA TRP A 83 17.71 -22.57 -0.18
C TRP A 83 18.63 -21.52 0.46
N TYR A 84 18.08 -20.69 1.33
CA TYR A 84 18.88 -19.69 2.03
C TYR A 84 18.69 -19.81 3.54
N PRO A 85 19.30 -20.84 4.16
CA PRO A 85 19.18 -21.03 5.60
C PRO A 85 19.87 -19.95 6.48
N GLY A 86 20.53 -18.99 5.85
CA GLY A 86 21.27 -17.99 6.60
C GLY A 86 20.79 -16.58 6.34
N CYS A 87 19.47 -16.40 6.26
CA CYS A 87 18.91 -15.07 6.05
C CYS A 87 18.53 -14.48 7.38
N LYS A 88 18.99 -13.26 7.65
CA LYS A 88 18.71 -12.66 8.95
C LYS A 88 17.25 -12.28 9.18
N TYR A 89 16.55 -11.87 8.13
CA TYR A 89 15.12 -11.57 8.26
C TYR A 89 14.30 -12.84 8.43
N LEU A 90 14.78 -13.93 7.83
CA LEU A 90 14.17 -15.23 8.06
C LEU A 90 14.32 -15.61 9.54
N LEU A 91 15.53 -15.42 10.05
CA LEU A 91 15.88 -15.73 11.44
C LEU A 91 15.06 -14.88 12.41
N GLU A 92 14.90 -13.61 12.03
CA GLU A 92 14.05 -12.65 12.72
C GLU A 92 12.63 -13.18 12.80
N GLN A 93 12.08 -13.63 11.68
CA GLN A 93 10.67 -14.00 11.63
C GLN A 93 10.39 -15.34 12.28
N LYS A 94 11.05 -16.39 11.79
CA LYS A 94 10.64 -17.76 12.07
C LYS A 94 11.44 -18.45 13.18
N GLY A 95 12.66 -17.98 13.43
CA GLY A 95 13.51 -18.55 14.48
C GLY A 95 14.17 -19.87 14.13
N GLN A 96 15.40 -20.06 14.61
CA GLN A 96 16.28 -21.16 14.19
C GLN A 96 15.70 -22.56 13.98
N GLU A 97 14.81 -23.00 14.88
CA GLU A 97 14.27 -24.37 14.75
C GLU A 97 13.57 -24.58 13.44
N TYR A 98 12.73 -23.60 13.04
CA TYR A 98 12.05 -23.67 11.75
C TYR A 98 13.08 -23.94 10.68
N ILE A 99 14.12 -23.12 10.67
CA ILE A 99 15.20 -23.20 9.69
C ILE A 99 15.90 -24.56 9.78
N ASN A 100 16.14 -25.05 10.99
CA ASN A 100 16.76 -26.36 11.18
C ASN A 100 15.82 -27.52 10.82
N ASN A 101 14.53 -27.28 10.90
CA ASN A 101 13.50 -28.28 10.59
C ASN A 101 13.26 -28.48 9.11
N ILE A 102 13.20 -27.39 8.36
CA ILE A 102 13.00 -27.49 6.93
C ILE A 102 14.18 -28.27 6.38
N HIS A 103 15.34 -28.03 6.95
CA HIS A 103 16.51 -28.75 6.52
C HIS A 103 16.55 -30.19 6.98
N LEU A 104 16.22 -30.42 8.26
CA LEU A 104 16.16 -31.77 8.83
C LEU A 104 15.24 -32.71 8.05
N THR A 105 14.07 -32.21 7.64
CA THR A 105 13.14 -33.03 6.87
C THR A 105 13.67 -33.25 5.46
N HIS A 106 14.43 -32.27 4.95
CA HIS A 106 15.00 -32.39 3.61
C HIS A 106 16.26 -33.25 3.59
N SER A 107 16.88 -33.42 4.76
CA SER A 107 17.94 -34.40 4.96
C SER A 107 17.35 -35.79 5.20
N LEU A 108 16.02 -35.88 5.27
CA LEU A 108 15.34 -37.15 5.52
C LEU A 108 14.80 -37.83 4.26
N GLU A 109 14.02 -37.11 3.44
CA GLU A 109 13.61 -37.66 2.14
C GLU A 109 14.85 -37.76 1.23
N GLU A 110 16.02 -37.47 1.82
CA GLU A 110 17.33 -37.70 1.22
C GLU A 110 17.63 -39.17 1.35
N CYS A 111 18.18 -39.54 2.51
CA CYS A 111 18.56 -40.92 2.76
C CYS A 111 17.38 -41.87 2.81
N LEU A 112 16.15 -41.35 2.80
CA LEU A 112 14.97 -42.20 3.01
C LEU A 112 15.03 -43.39 2.08
N VAL A 113 15.13 -43.15 0.77
CA VAL A 113 15.82 -44.12 -0.09
C VAL A 113 16.80 -43.34 -0.96
N ARG A 114 18.08 -43.72 -0.83
CA ARG A 114 19.23 -43.10 -1.50
C ARG A 114 20.51 -43.52 -0.77
N ARG B 8 -26.45 40.77 -11.91
CA ARG B 8 -25.19 41.12 -12.62
C ARG B 8 -24.22 41.78 -11.64
N ASN B 9 -24.11 41.19 -10.46
CA ASN B 9 -23.04 41.56 -9.54
C ASN B 9 -22.11 40.39 -9.26
N PHE B 10 -22.70 39.21 -9.14
CA PHE B 10 -21.93 37.98 -9.05
C PHE B 10 -21.24 37.76 -10.38
N PRO B 11 -19.90 37.69 -10.36
CA PRO B 11 -19.14 37.69 -11.60
C PRO B 11 -19.28 36.37 -12.35
N ASN B 12 -18.96 36.38 -13.64
CA ASN B 12 -19.09 35.21 -14.48
C ASN B 12 -17.97 34.22 -14.22
N SER B 13 -18.33 32.95 -14.02
CA SER B 13 -17.36 31.89 -13.77
C SER B 13 -17.53 30.77 -14.79
N THR B 14 -18.22 31.07 -15.88
CA THR B 14 -18.56 30.09 -16.91
C THR B 14 -17.78 30.35 -18.21
N ASN B 15 -17.85 29.40 -19.15
CA ASN B 15 -17.03 29.42 -20.39
C ASN B 15 -17.49 30.37 -21.49
N LEU B 16 -18.80 30.57 -21.63
CA LEU B 16 -19.31 31.59 -22.55
C LEU B 16 -19.36 32.96 -21.85
N PRO B 17 -18.86 34.01 -22.53
CA PRO B 17 -18.67 35.35 -21.93
C PRO B 17 -19.94 36.06 -21.46
N ARG B 18 -19.74 37.16 -20.74
CA ARG B 18 -20.85 37.99 -20.27
C ARG B 18 -21.14 39.01 -21.36
N ASN B 19 -20.10 39.52 -22.00
CA ASN B 19 -20.25 40.45 -23.10
C ASN B 19 -19.54 40.01 -24.38
N PRO B 20 -20.29 39.35 -25.29
CA PRO B 20 -19.74 38.82 -26.54
C PRO B 20 -19.34 39.91 -27.54
N SER B 21 -19.87 41.11 -27.32
CA SER B 21 -19.62 42.25 -28.19
C SER B 21 -18.25 42.89 -27.94
N MET B 22 -17.58 42.46 -26.89
CA MET B 22 -16.22 42.93 -26.60
C MET B 22 -15.20 41.80 -26.64
N ALA B 23 -15.50 40.77 -27.42
CA ALA B 23 -14.59 39.64 -27.59
C ALA B 23 -13.43 40.03 -28.48
N ASP B 24 -13.71 40.80 -29.52
CA ASP B 24 -12.71 41.21 -30.49
C ASP B 24 -11.75 42.20 -29.86
N TYR B 25 -10.45 41.92 -29.98
CA TYR B 25 -9.42 42.77 -29.38
C TYR B 25 -9.43 44.22 -29.93
N GLU B 26 -9.61 44.35 -31.23
CA GLU B 26 -9.69 45.67 -31.88
C GLU B 26 -10.77 46.58 -31.30
N ALA B 27 -11.82 45.96 -30.74
CA ALA B 27 -12.92 46.71 -30.15
C ALA B 27 -12.60 47.15 -28.72
N ARG B 28 -11.58 46.52 -28.12
CA ARG B 28 -11.14 46.84 -26.76
C ARG B 28 -10.18 48.01 -26.72
N ILE B 29 -9.11 47.98 -27.51
CA ILE B 29 -8.19 49.13 -27.60
C ILE B 29 -8.94 50.39 -28.03
N PHE B 30 -9.96 50.23 -28.87
CA PHE B 30 -10.75 51.35 -29.38
C PHE B 30 -11.17 52.27 -28.25
N THR B 31 -11.72 51.70 -27.19
CA THR B 31 -12.23 52.46 -26.05
C THR B 31 -11.15 53.27 -25.32
N PHE B 32 -9.88 52.96 -25.60
CA PHE B 32 -8.73 53.61 -24.92
C PHE B 32 -8.12 54.81 -25.69
N GLY B 33 -8.93 55.46 -26.53
CA GLY B 33 -8.49 56.65 -27.26
C GLY B 33 -8.46 57.92 -26.43
N THR B 34 -9.18 57.92 -25.30
CA THR B 34 -9.20 59.05 -24.37
C THR B 34 -8.54 58.64 -23.05
N TRP B 35 -7.76 57.56 -23.09
CA TRP B 35 -7.15 56.99 -21.90
C TRP B 35 -5.98 57.82 -21.35
N ILE B 36 -6.15 58.37 -20.15
CA ILE B 36 -5.18 59.32 -19.59
C ILE B 36 -4.40 58.80 -18.38
N TYR B 37 -4.82 57.65 -17.84
CA TYR B 37 -4.24 57.12 -16.60
C TYR B 37 -2.93 56.37 -16.83
N SER B 38 -2.29 55.97 -15.72
CA SER B 38 -0.90 55.46 -15.76
C SER B 38 -0.75 54.05 -16.31
N VAL B 39 -1.77 53.21 -16.15
CA VAL B 39 -1.68 51.79 -16.49
C VAL B 39 -1.89 51.49 -17.97
N ASN B 40 -1.07 50.56 -18.48
CA ASN B 40 -0.93 50.35 -19.93
C ASN B 40 -2.22 50.06 -20.71
N LYS B 41 -2.46 50.92 -21.70
CA LYS B 41 -3.61 50.84 -22.61
C LYS B 41 -3.72 49.48 -23.33
N GLU B 42 -2.64 49.08 -24.01
CA GLU B 42 -2.57 47.81 -24.75
C GLU B 42 -2.67 46.59 -23.85
N GLN B 43 -2.07 46.70 -22.67
CA GLN B 43 -1.99 45.57 -21.75
C GLN B 43 -3.28 45.36 -21.00
N LEU B 44 -4.02 46.45 -20.77
CA LEU B 44 -5.34 46.34 -20.18
C LEU B 44 -6.28 45.59 -21.10
N ALA B 45 -6.23 45.92 -22.39
CA ALA B 45 -7.07 45.25 -23.40
C ALA B 45 -6.63 43.79 -23.68
N ARG B 46 -5.33 43.53 -23.60
CA ARG B 46 -4.80 42.16 -23.71
C ARG B 46 -5.24 41.29 -22.51
N ALA B 47 -5.37 41.93 -21.34
CA ALA B 47 -5.91 41.30 -20.14
C ALA B 47 -7.43 41.05 -20.27
N GLY B 48 -8.04 41.70 -21.25
CA GLY B 48 -9.44 41.49 -21.62
C GLY B 48 -10.38 42.60 -21.17
N PHE B 49 -9.88 43.84 -21.16
CA PHE B 49 -10.67 44.93 -20.62
C PHE B 49 -11.07 45.96 -21.66
N TYR B 50 -12.29 46.46 -21.53
CA TYR B 50 -12.71 47.66 -22.21
C TYR B 50 -12.89 48.73 -21.14
N ALA B 51 -12.71 49.98 -21.56
CA ALA B 51 -12.92 51.13 -20.71
C ALA B 51 -14.40 51.50 -20.67
N LEU B 52 -14.89 51.80 -19.46
CA LEU B 52 -16.26 52.29 -19.26
C LEU B 52 -16.38 53.81 -19.47
N GLY B 53 -15.26 54.49 -19.66
CA GLY B 53 -15.25 55.93 -19.95
C GLY B 53 -15.48 56.81 -18.73
N GLU B 54 -16.12 56.23 -17.72
CA GLU B 54 -16.29 56.86 -16.42
C GLU B 54 -15.07 56.49 -15.57
N GLY B 55 -14.38 57.50 -15.04
CA GLY B 55 -13.14 57.32 -14.26
C GLY B 55 -12.12 56.43 -14.95
N ASP B 56 -11.41 55.63 -14.17
CA ASP B 56 -10.57 54.57 -14.72
C ASP B 56 -11.28 53.23 -14.70
N LYS B 57 -12.57 53.27 -14.35
CA LYS B 57 -13.41 52.08 -14.22
C LYS B 57 -13.35 51.24 -15.49
N VAL B 58 -12.96 49.97 -15.35
CA VAL B 58 -12.91 49.04 -16.49
C VAL B 58 -13.50 47.67 -16.15
N LYS B 59 -14.22 47.09 -17.10
CA LYS B 59 -14.96 45.85 -16.87
C LYS B 59 -14.53 44.80 -17.88
N CYS B 60 -14.19 43.59 -17.40
CA CYS B 60 -13.77 42.49 -18.28
C CYS B 60 -14.90 42.04 -19.19
N PHE B 61 -14.56 41.77 -20.45
CA PHE B 61 -15.54 41.37 -21.45
C PHE B 61 -16.19 40.03 -21.12
N HIS B 62 -15.46 39.20 -20.37
CA HIS B 62 -15.81 37.79 -20.17
C HIS B 62 -16.40 37.49 -18.80
N CYS B 63 -15.62 37.68 -17.74
CA CYS B 63 -16.10 37.44 -16.39
C CYS B 63 -17.02 38.56 -15.87
N GLY B 64 -17.14 39.63 -16.65
CA GLY B 64 -17.98 40.78 -16.29
C GLY B 64 -17.46 41.53 -15.07
N GLY B 65 -16.25 41.20 -14.63
CA GLY B 65 -15.69 41.77 -13.42
C GLY B 65 -15.17 43.17 -13.68
N GLY B 66 -15.28 44.04 -12.67
CA GLY B 66 -14.84 45.42 -12.81
C GLY B 66 -13.67 45.79 -11.92
N LEU B 67 -12.92 46.82 -12.34
CA LEU B 67 -11.77 47.33 -11.58
C LEU B 67 -11.62 48.85 -11.63
N THR B 68 -11.30 49.46 -10.48
CA THR B 68 -11.03 50.91 -10.37
C THR B 68 -9.82 51.21 -9.49
N ASP B 69 -9.57 52.50 -9.26
CA ASP B 69 -8.51 52.98 -8.35
C ASP B 69 -7.11 52.45 -8.67
N TRP B 70 -6.75 52.52 -9.94
CA TRP B 70 -5.47 52.01 -10.46
C TRP B 70 -4.26 52.81 -10.00
N LYS B 71 -3.40 52.16 -9.26
CA LYS B 71 -2.21 52.81 -8.83
C LYS B 71 -1.29 52.70 -10.00
N PRO B 72 -0.07 53.20 -9.83
CA PRO B 72 0.80 53.34 -10.99
C PRO B 72 1.65 52.11 -11.17
N SER B 73 1.47 51.46 -12.31
CA SER B 73 2.32 50.34 -12.70
C SER B 73 1.86 48.99 -12.19
N GLU B 74 0.75 48.97 -11.46
CA GLU B 74 0.23 47.69 -11.04
C GLU B 74 -0.16 47.01 -12.33
N ASP B 75 0.24 45.75 -12.50
CA ASP B 75 -0.08 45.05 -13.73
C ASP B 75 -1.57 44.72 -13.78
N PRO B 76 -2.18 44.91 -14.95
CA PRO B 76 -3.60 44.54 -15.09
C PRO B 76 -3.83 43.02 -14.92
N TRP B 77 -2.90 42.20 -15.40
CA TRP B 77 -3.09 40.76 -15.32
C TRP B 77 -3.19 40.34 -13.87
N GLU B 78 -2.25 40.83 -13.05
CA GLU B 78 -2.18 40.48 -11.63
C GLU B 78 -3.48 40.78 -10.89
N GLN B 79 -4.04 41.96 -11.19
CA GLN B 79 -5.26 42.39 -10.55
C GLN B 79 -6.50 41.67 -11.12
N HIS B 80 -6.42 41.21 -12.36
CA HIS B 80 -7.52 40.41 -12.93
C HIS B 80 -7.68 39.12 -12.13
N ALA B 81 -6.55 38.47 -11.86
CA ALA B 81 -6.50 37.21 -11.15
C ALA B 81 -6.72 37.41 -9.65
N LYS B 82 -6.28 38.54 -9.12
CA LYS B 82 -6.50 38.82 -7.72
C LYS B 82 -7.99 38.79 -7.42
N TRP B 83 -8.75 39.62 -8.13
CA TRP B 83 -10.16 39.87 -7.81
C TRP B 83 -11.19 38.90 -8.42
N TYR B 84 -10.93 38.42 -9.64
CA TYR B 84 -11.85 37.50 -10.31
C TYR B 84 -11.18 36.20 -10.74
N PRO B 85 -10.69 35.40 -9.78
CA PRO B 85 -9.90 34.20 -10.10
C PRO B 85 -10.64 33.19 -10.98
N GLY B 86 -11.97 33.24 -10.97
CA GLY B 86 -12.78 32.27 -11.71
C GLY B 86 -12.96 32.56 -13.18
N CYS B 87 -12.37 33.66 -13.67
CA CYS B 87 -12.52 34.04 -15.07
C CYS B 87 -11.93 33.00 -16.02
N LYS B 88 -12.76 32.44 -16.88
CA LYS B 88 -12.32 31.37 -17.77
C LYS B 88 -11.58 31.84 -19.04
N TYR B 89 -11.58 33.15 -19.26
CA TYR B 89 -10.71 33.75 -20.27
C TYR B 89 -9.29 33.90 -19.70
N LEU B 90 -9.22 34.32 -18.44
CA LEU B 90 -7.97 34.44 -17.72
C LEU B 90 -7.25 33.09 -17.60
N LEU B 91 -8.01 32.04 -17.32
CA LEU B 91 -7.48 30.67 -17.29
C LEU B 91 -6.96 30.27 -18.66
N GLU B 92 -7.67 30.70 -19.70
CA GLU B 92 -7.34 30.37 -21.09
C GLU B 92 -6.10 31.11 -21.61
N GLN B 93 -5.80 32.25 -21.01
CA GLN B 93 -4.67 33.07 -21.43
C GLN B 93 -3.47 32.98 -20.48
N LYS B 94 -3.70 32.63 -19.21
CA LYS B 94 -2.63 32.59 -18.21
C LYS B 94 -2.48 31.27 -17.42
N GLY B 95 -3.48 30.40 -17.50
CA GLY B 95 -3.42 29.07 -16.89
C GLY B 95 -3.59 29.13 -15.37
N GLN B 96 -4.02 28.02 -14.77
CA GLN B 96 -4.32 28.01 -13.34
C GLN B 96 -3.12 28.29 -12.45
N GLU B 97 -1.94 27.92 -12.93
CA GLU B 97 -0.74 28.10 -12.14
C GLU B 97 -0.50 29.56 -11.78
N TYR B 98 -0.56 30.43 -12.77
CA TYR B 98 -0.44 31.86 -12.56
C TYR B 98 -1.44 32.34 -11.51
N ILE B 99 -2.69 31.93 -11.67
CA ILE B 99 -3.78 32.43 -10.82
C ILE B 99 -3.53 32.15 -9.34
N ASN B 100 -3.05 30.97 -9.02
CA ASN B 100 -2.75 30.60 -7.63
C ASN B 100 -1.40 31.13 -7.15
N ASN B 101 -0.47 31.35 -8.09
CA ASN B 101 0.77 32.07 -7.77
C ASN B 101 0.43 33.44 -7.16
N ILE B 102 -0.57 34.12 -7.72
CA ILE B 102 -1.06 35.37 -7.14
C ILE B 102 -1.70 35.13 -5.78
N HIS B 103 -2.61 34.15 -5.70
CA HIS B 103 -3.43 33.96 -4.50
C HIS B 103 -2.67 33.36 -3.32
N LEU B 104 -1.69 32.51 -3.60
CA LEU B 104 -0.79 32.01 -2.58
C LEU B 104 0.11 33.14 -2.09
N THR B 105 0.50 34.04 -3.00
CA THR B 105 1.36 35.17 -2.68
C THR B 105 0.75 36.08 -1.60
N HIS B 106 -0.54 36.35 -1.72
CA HIS B 106 -1.24 37.19 -0.76
C HIS B 106 -1.42 36.48 0.57
N SER B 107 -1.90 35.25 0.55
CA SER B 107 -2.14 34.52 1.80
C SER B 107 -0.85 34.26 2.61
N LEU B 108 0.30 34.27 1.94
CA LEU B 108 1.58 34.19 2.66
C LEU B 108 1.91 35.47 3.45
N GLU B 109 1.78 36.63 2.81
CA GLU B 109 1.94 37.94 3.47
C GLU B 109 1.04 38.07 4.70
N GLU B 110 -0.14 37.48 4.59
CA GLU B 110 -1.16 37.48 5.64
C GLU B 110 -0.74 36.61 6.81
N CYS B 111 0.00 35.55 6.52
CA CYS B 111 0.54 34.73 7.57
C CYS B 111 1.77 35.38 8.21
N LEU B 112 2.48 36.22 7.44
CA LEU B 112 3.63 36.98 7.94
C LEU B 112 3.19 38.05 8.95
N VAL B 113 2.10 38.74 8.64
CA VAL B 113 1.51 39.74 9.54
C VAL B 113 0.61 39.10 10.59
N ASN C 9 13.11 -49.17 20.38
CA ASN C 9 12.17 -48.79 21.49
C ASN C 9 11.27 -47.59 21.16
N PHE C 10 11.87 -46.46 20.80
CA PHE C 10 11.14 -45.32 20.24
C PHE C 10 10.58 -45.69 18.85
N PRO C 11 9.26 -45.54 18.66
CA PRO C 11 8.59 -45.87 17.40
C PRO C 11 9.06 -45.06 16.20
N ASN C 12 8.94 -45.66 15.02
CA ASN C 12 9.26 -45.06 13.73
C ASN C 12 8.01 -44.40 13.14
N SER C 13 8.16 -43.24 12.52
CA SER C 13 7.02 -42.56 11.91
C SER C 13 7.29 -42.16 10.45
N THR C 14 8.11 -42.95 9.77
CA THR C 14 8.53 -42.67 8.40
C THR C 14 7.91 -43.64 7.37
N ASN C 15 8.06 -43.31 6.09
CA ASN C 15 7.47 -44.08 4.99
C ASN C 15 8.00 -45.49 4.77
N LEU C 16 9.24 -45.76 5.17
CA LEU C 16 9.77 -47.12 5.04
C LEU C 16 9.51 -47.96 6.32
N PRO C 17 8.88 -49.14 6.13
CA PRO C 17 8.58 -50.11 7.20
C PRO C 17 9.82 -50.56 7.95
N ARG C 18 9.69 -50.70 9.27
CA ARG C 18 10.77 -51.20 10.11
C ARG C 18 11.03 -52.68 9.93
N ASN C 19 9.97 -53.44 9.63
CA ASN C 19 10.09 -54.88 9.45
C ASN C 19 9.54 -55.36 8.10
N PRO C 20 10.34 -55.20 7.03
CA PRO C 20 9.88 -55.58 5.70
C PRO C 20 9.57 -57.06 5.61
N SER C 21 10.03 -57.80 6.62
CA SER C 21 9.89 -59.25 6.66
C SER C 21 8.46 -59.67 6.99
N MET C 22 7.61 -58.71 7.32
CA MET C 22 6.20 -58.98 7.58
C MET C 22 5.30 -58.03 6.80
N ALA C 23 5.80 -57.56 5.64
CA ALA C 23 5.07 -56.61 4.82
C ALA C 23 3.79 -57.21 4.22
N ASP C 24 3.78 -58.53 4.05
CA ASP C 24 2.63 -59.22 3.47
C ASP C 24 1.62 -59.62 4.53
N TYR C 25 0.35 -59.42 4.23
CA TYR C 25 -0.76 -59.85 5.08
C TYR C 25 -0.64 -61.34 5.40
N GLU C 26 -0.08 -62.09 4.45
CA GLU C 26 0.05 -63.54 4.54
C GLU C 26 1.09 -63.96 5.57
N ALA C 27 2.15 -63.15 5.69
CA ALA C 27 3.24 -63.46 6.61
C ALA C 27 2.86 -63.17 8.07
N ARG C 28 1.82 -62.36 8.27
CA ARG C 28 1.41 -61.91 9.59
C ARG C 28 0.42 -62.87 10.28
N ILE C 29 -0.61 -63.30 9.56
CA ILE C 29 -1.58 -64.27 10.08
C ILE C 29 -0.95 -65.60 10.52
N PHE C 30 0.26 -65.87 10.06
CA PHE C 30 0.92 -67.12 10.41
C PHE C 30 1.16 -67.20 11.92
N THR C 31 1.56 -66.08 12.51
CA THR C 31 1.76 -66.01 13.95
C THR C 31 0.44 -65.97 14.72
N PHE C 32 -0.65 -65.68 14.01
CA PHE C 32 -1.98 -65.69 14.61
C PHE C 32 -2.70 -67.05 14.49
N GLY C 33 -2.04 -68.03 13.87
CA GLY C 33 -2.59 -69.37 13.67
C GLY C 33 -2.96 -70.06 14.96
N THR C 34 -2.30 -69.65 16.05
CA THR C 34 -2.62 -70.11 17.39
C THR C 34 -2.79 -68.88 18.29
N TRP C 35 -4.03 -68.55 18.61
CA TRP C 35 -4.36 -67.26 19.22
C TRP C 35 -5.65 -67.35 20.05
N ILE C 36 -5.54 -67.88 21.25
CA ILE C 36 -6.69 -68.04 22.15
C ILE C 36 -7.18 -66.72 22.77
N TYR C 37 -6.66 -65.60 22.29
CA TYR C 37 -7.01 -64.27 22.81
C TYR C 37 -8.19 -63.67 22.07
N SER C 38 -9.04 -62.97 22.82
CA SER C 38 -10.35 -62.56 22.33
C SER C 38 -10.33 -61.89 20.95
N VAL C 39 -9.45 -60.92 20.77
CA VAL C 39 -9.42 -60.06 19.56
C VAL C 39 -9.21 -60.78 18.21
N ASN C 40 -9.82 -60.20 17.18
CA ASN C 40 -9.93 -60.81 15.86
C ASN C 40 -8.60 -60.96 15.11
N LYS C 41 -8.12 -62.21 15.00
CA LYS C 41 -6.84 -62.54 14.35
C LYS C 41 -6.70 -61.90 12.98
N GLU C 42 -7.69 -62.14 12.12
CA GLU C 42 -7.70 -61.67 10.74
C GLU C 42 -7.88 -60.15 10.62
N GLN C 43 -8.12 -59.49 11.75
CA GLN C 43 -8.18 -58.04 11.79
C GLN C 43 -6.88 -57.44 12.30
N LEU C 44 -6.34 -58.04 13.37
CA LEU C 44 -5.03 -57.67 13.88
C LEU C 44 -4.00 -57.66 12.76
N ALA C 45 -4.00 -58.74 11.98
CA ALA C 45 -3.09 -58.92 10.86
C ALA C 45 -3.24 -57.85 9.77
N ARG C 46 -4.47 -57.60 9.35
CA ARG C 46 -4.74 -56.57 8.34
C ARG C 46 -4.29 -55.20 8.87
N ALA C 47 -4.49 -54.96 10.16
CA ALA C 47 -4.09 -53.72 10.82
C ALA C 47 -2.57 -53.53 10.78
N GLY C 48 -1.86 -54.62 10.51
CA GLY C 48 -0.42 -54.57 10.31
C GLY C 48 0.34 -55.30 11.38
N PHE C 49 -0.38 -55.95 12.29
CA PHE C 49 0.22 -56.60 13.46
C PHE C 49 0.57 -58.08 13.27
N TYR C 50 1.62 -58.52 13.95
CA TYR C 50 1.98 -59.94 14.00
C TYR C 50 2.21 -60.33 15.45
N ALA C 51 1.92 -61.58 15.80
CA ALA C 51 2.08 -62.06 17.18
C ALA C 51 3.53 -62.39 17.52
N LEU C 52 3.94 -62.08 18.74
CA LEU C 52 5.34 -62.22 19.12
C LEU C 52 5.63 -63.57 19.76
N GLY C 53 4.60 -64.41 19.86
CA GLY C 53 4.72 -65.73 20.48
C GLY C 53 4.79 -65.68 21.99
N GLU C 54 4.68 -64.46 22.54
CA GLU C 54 4.82 -64.24 23.96
C GLU C 54 3.63 -63.43 24.47
N GLY C 55 2.64 -64.13 25.02
CA GLY C 55 1.38 -63.53 25.44
C GLY C 55 0.64 -62.92 24.26
N ASP C 56 -0.23 -61.97 24.58
CA ASP C 56 -0.96 -61.21 23.55
C ASP C 56 -0.11 -60.07 22.99
N LYS C 57 1.19 -60.09 23.31
CA LYS C 57 2.16 -59.14 22.76
C LYS C 57 2.21 -59.25 21.24
N VAL C 58 2.00 -58.11 20.58
CA VAL C 58 1.97 -58.02 19.13
C VAL C 58 2.65 -56.74 18.69
N LYS C 59 3.53 -56.85 17.71
CA LYS C 59 4.15 -55.68 17.12
C LYS C 59 3.60 -55.47 15.72
N CYS C 60 3.65 -54.22 15.26
CA CYS C 60 3.31 -53.82 13.89
C CYS C 60 4.55 -53.90 12.99
N PHE C 61 4.38 -54.42 11.79
CA PHE C 61 5.51 -54.59 10.87
C PHE C 61 6.14 -53.27 10.45
N HIS C 62 5.44 -52.15 10.65
CA HIS C 62 5.85 -50.85 10.09
C HIS C 62 6.42 -49.83 11.09
N CYS C 63 5.59 -49.32 11.98
CA CYS C 63 6.02 -48.32 12.96
C CYS C 63 6.84 -48.95 14.11
N GLY C 64 6.74 -50.27 14.24
CA GLY C 64 7.43 -51.02 15.28
C GLY C 64 6.71 -50.97 16.60
N GLY C 65 5.47 -50.50 16.57
CA GLY C 65 4.68 -50.27 17.77
C GLY C 65 4.21 -51.56 18.40
N GLY C 66 4.28 -51.64 19.73
CA GLY C 66 3.87 -52.84 20.45
C GLY C 66 2.58 -52.65 21.23
N LEU C 67 1.77 -53.70 21.32
CA LEU C 67 0.52 -53.66 22.05
C LEU C 67 0.25 -54.95 22.80
N THR C 68 -0.14 -54.83 24.06
CA THR C 68 -0.46 -55.98 24.90
C THR C 68 -1.67 -55.74 25.80
N ASP C 69 -2.12 -56.79 26.47
CA ASP C 69 -3.26 -56.75 27.41
C ASP C 69 -4.61 -56.41 26.76
N TRP C 70 -4.85 -57.02 25.60
CA TRP C 70 -6.09 -56.86 24.86
C TRP C 70 -7.29 -57.32 25.67
N LYS C 71 -8.39 -56.58 25.54
CA LYS C 71 -9.63 -56.88 26.28
C LYS C 71 -10.75 -57.25 25.31
N PRO C 72 -11.71 -58.09 25.75
CA PRO C 72 -12.88 -58.56 24.99
C PRO C 72 -13.38 -57.66 23.86
N SER C 73 -13.13 -58.09 22.62
CA SER C 73 -13.68 -57.47 21.40
C SER C 73 -13.20 -56.03 21.10
N GLU C 74 -11.99 -55.72 21.53
CA GLU C 74 -11.38 -54.43 21.25
C GLU C 74 -10.98 -54.31 19.78
N ASP C 75 -10.65 -53.10 19.37
CA ASP C 75 -10.42 -52.80 17.96
C ASP C 75 -8.93 -52.55 17.64
N PRO C 76 -8.33 -53.39 16.75
CA PRO C 76 -6.93 -53.24 16.38
C PRO C 76 -6.66 -51.93 15.61
N TRP C 77 -7.56 -51.57 14.70
CA TRP C 77 -7.43 -50.31 13.95
C TRP C 77 -7.55 -49.12 14.88
N GLU C 78 -8.35 -49.28 15.93
CA GLU C 78 -8.57 -48.22 16.93
C GLU C 78 -7.37 -48.07 17.85
N GLN C 79 -6.83 -49.19 18.33
CA GLN C 79 -5.65 -49.16 19.21
C GLN C 79 -4.38 -48.68 18.47
N HIS C 80 -4.26 -49.07 17.21
CA HIS C 80 -3.12 -48.68 16.41
C HIS C 80 -3.09 -47.17 16.29
N ALA C 81 -4.27 -46.57 16.12
CA ALA C 81 -4.38 -45.12 15.97
C ALA C 81 -4.20 -44.39 17.31
N LYS C 82 -4.68 -45.01 18.38
CA LYS C 82 -4.61 -44.45 19.72
C LYS C 82 -3.16 -44.27 20.15
N TRP C 83 -2.39 -45.35 20.16
CA TRP C 83 -1.05 -45.37 20.75
C TRP C 83 0.13 -45.03 19.82
N TYR C 84 -0.10 -45.04 18.51
CA TYR C 84 0.96 -44.72 17.55
C TYR C 84 0.36 -43.96 16.37
N PRO C 85 -0.11 -42.72 16.60
CA PRO C 85 -0.60 -41.94 15.48
C PRO C 85 0.46 -41.84 14.41
N GLY C 86 1.72 -41.99 14.81
CA GLY C 86 2.86 -41.78 13.95
C GLY C 86 2.82 -42.61 12.70
N CYS C 87 2.49 -43.88 12.87
CA CYS C 87 2.60 -44.92 11.83
C CYS C 87 2.12 -44.49 10.45
N LYS C 88 2.96 -44.74 9.44
CA LYS C 88 2.65 -44.34 8.06
C LYS C 88 1.89 -45.40 7.28
N TYR C 89 2.10 -46.67 7.65
CA TYR C 89 1.24 -47.73 7.15
C TYR C 89 -0.24 -47.43 7.45
N LEU C 90 -0.52 -47.10 8.71
CA LEU C 90 -1.87 -46.70 9.18
C LEU C 90 -2.50 -45.53 8.39
N LEU C 91 -1.72 -44.48 8.15
CA LEU C 91 -2.18 -43.31 7.40
C LEU C 91 -2.58 -43.71 6.00
N GLU C 92 -1.75 -44.54 5.37
CA GLU C 92 -2.00 -45.05 4.03
C GLU C 92 -3.26 -45.94 4.01
N GLN C 93 -3.45 -46.70 5.07
CA GLN C 93 -4.53 -47.68 5.15
C GLN C 93 -5.88 -47.09 5.52
N LYS C 94 -5.88 -46.11 6.44
CA LYS C 94 -7.13 -45.62 7.00
C LYS C 94 -7.39 -44.12 6.87
N GLY C 95 -6.44 -43.39 6.29
CA GLY C 95 -6.56 -41.94 6.07
C GLY C 95 -6.34 -41.10 7.31
N GLN C 96 -5.76 -39.91 7.14
CA GLN C 96 -5.49 -38.98 8.26
C GLN C 96 -6.73 -38.59 9.07
N GLU C 97 -7.90 -38.91 8.52
CA GLU C 97 -9.20 -38.58 9.10
C GLU C 97 -9.54 -39.44 10.31
N TYR C 98 -9.45 -40.75 10.13
CA TYR C 98 -9.67 -41.76 11.17
C TYR C 98 -8.76 -41.53 12.36
N ILE C 99 -7.46 -41.46 12.08
CA ILE C 99 -6.44 -41.24 13.11
C ILE C 99 -6.72 -40.01 14.00
N ASN C 100 -7.10 -38.90 13.37
CA ASN C 100 -7.56 -37.71 14.10
C ASN C 100 -8.69 -38.01 15.11
N ASN C 101 -9.76 -38.63 14.61
CA ASN C 101 -10.97 -38.92 15.39
C ASN C 101 -10.77 -39.69 16.71
N ILE C 102 -9.92 -40.72 16.70
CA ILE C 102 -9.71 -41.51 17.92
C ILE C 102 -9.19 -40.61 19.05
N HIS C 103 -8.36 -39.65 18.69
CA HIS C 103 -7.79 -38.72 19.65
C HIS C 103 -8.78 -37.65 20.11
N LEU C 104 -9.58 -37.15 19.17
CA LEU C 104 -10.63 -36.20 19.49
C LEU C 104 -11.64 -36.82 20.45
N THR C 105 -11.90 -38.12 20.29
CA THR C 105 -12.79 -38.83 21.19
C THR C 105 -12.16 -38.89 22.58
N HIS C 106 -10.89 -39.30 22.64
CA HIS C 106 -10.17 -39.36 23.91
C HIS C 106 -9.88 -37.97 24.53
N SER C 107 -9.82 -36.95 23.68
CA SER C 107 -9.67 -35.57 24.14
C SER C 107 -10.95 -35.07 24.78
N LEU C 108 -12.09 -35.49 24.24
CA LEU C 108 -13.40 -35.06 24.72
C LEU C 108 -13.75 -35.75 26.02
N GLU C 109 -13.34 -37.02 26.14
CA GLU C 109 -13.54 -37.80 27.36
C GLU C 109 -12.59 -37.36 28.48
N GLU C 110 -11.43 -36.84 28.11
CA GLU C 110 -10.53 -36.16 29.06
C GLU C 110 -11.23 -34.99 29.74
N CYS C 111 -12.12 -34.33 29.02
CA CYS C 111 -12.79 -33.17 29.54
C CYS C 111 -14.04 -33.53 30.35
N LEU C 112 -13.89 -34.48 31.27
CA LEU C 112 -14.94 -34.80 32.23
C LEU C 112 -14.78 -33.97 33.53
N VAL C 113 -15.86 -33.28 33.91
CA VAL C 113 -15.85 -32.35 35.03
C VAL C 113 -17.25 -32.25 35.63
N ASN D 9 28.00 16.99 -7.30
CA ASN D 9 26.97 17.21 -6.24
C ASN D 9 26.07 18.43 -6.44
N PHE D 10 26.67 19.62 -6.48
CA PHE D 10 25.91 20.83 -6.81
C PHE D 10 25.17 20.65 -8.13
N PRO D 11 23.88 21.02 -8.17
CA PRO D 11 23.07 20.72 -9.36
C PRO D 11 23.15 21.75 -10.49
N ASN D 12 22.67 21.37 -11.67
CA ASN D 12 22.64 22.28 -12.83
C ASN D 12 21.54 23.33 -12.73
N SER D 13 21.83 24.52 -13.26
CA SER D 13 20.83 25.57 -13.35
C SER D 13 20.97 26.38 -14.65
N THR D 14 21.45 25.71 -15.70
CA THR D 14 21.64 26.32 -17.02
C THR D 14 20.81 25.62 -18.10
N ASN D 15 20.94 26.07 -19.34
CA ASN D 15 20.23 25.50 -20.48
C ASN D 15 20.88 24.24 -21.03
N LEU D 16 22.04 23.89 -20.49
CA LEU D 16 22.81 22.75 -20.98
C LEU D 16 22.69 21.52 -20.07
N PRO D 17 22.13 20.42 -20.62
CA PRO D 17 22.00 19.13 -19.94
C PRO D 17 23.27 18.72 -19.20
N ARG D 18 23.13 17.97 -18.11
CA ARG D 18 24.28 17.41 -17.41
C ARG D 18 24.36 15.91 -17.70
N ASN D 19 23.57 15.50 -18.70
CA ASN D 19 23.55 14.13 -19.19
C ASN D 19 22.73 14.10 -20.48
N PRO D 20 23.34 14.53 -21.59
CA PRO D 20 22.63 14.70 -22.85
C PRO D 20 22.13 13.39 -23.42
N SER D 21 22.81 12.29 -23.09
CA SER D 21 22.46 10.98 -23.64
C SER D 21 21.09 10.46 -23.19
N MET D 22 20.49 11.11 -22.19
CA MET D 22 19.18 10.72 -21.69
C MET D 22 18.12 11.78 -21.97
N ALA D 23 18.33 12.57 -23.01
CA ALA D 23 17.42 13.67 -23.37
C ALA D 23 16.17 13.25 -24.17
N ASP D 24 16.20 12.06 -24.77
CA ASP D 24 15.02 11.47 -25.41
C ASP D 24 14.10 10.87 -24.38
N TYR D 25 12.80 11.17 -24.47
CA TYR D 25 11.80 10.53 -23.59
C TYR D 25 11.99 9.05 -23.75
N GLU D 26 12.09 8.65 -25.01
CA GLU D 26 12.28 7.27 -25.40
C GLU D 26 13.44 6.56 -24.69
N ALA D 27 14.56 7.28 -24.54
CA ALA D 27 15.77 6.74 -23.91
C ALA D 27 15.63 6.62 -22.41
N ARG D 28 14.65 7.32 -21.85
CA ARG D 28 14.46 7.33 -20.40
C ARG D 28 13.50 6.25 -19.91
N ILE D 29 12.37 6.06 -20.60
CA ILE D 29 11.42 5.03 -20.17
C ILE D 29 12.07 3.69 -20.37
N PHE D 30 13.06 3.63 -21.26
CA PHE D 30 13.76 2.37 -21.48
C PHE D 30 14.40 1.93 -20.18
N THR D 31 15.11 2.87 -19.55
CA THR D 31 15.78 2.61 -18.28
C THR D 31 14.78 2.31 -17.16
N PHE D 32 13.49 2.37 -17.47
CA PHE D 32 12.41 1.99 -16.54
C PHE D 32 11.77 0.68 -16.96
N GLY D 33 12.58 -0.26 -17.43
CA GLY D 33 12.05 -1.55 -17.88
C GLY D 33 11.66 -2.38 -16.69
N THR D 34 12.62 -2.60 -15.80
CA THR D 34 12.44 -3.49 -14.67
C THR D 34 12.08 -2.70 -13.41
N TRP D 35 11.44 -1.56 -13.64
CA TRP D 35 10.84 -0.77 -12.56
C TRP D 35 9.77 -1.62 -11.88
N ILE D 36 9.86 -1.78 -10.56
CA ILE D 36 8.87 -2.52 -9.77
C ILE D 36 8.12 -1.63 -8.77
N TYR D 37 8.51 -0.37 -8.74
CA TYR D 37 8.02 0.58 -7.74
C TYR D 37 6.67 1.17 -8.11
N SER D 38 6.02 1.85 -7.16
CA SER D 38 4.64 2.31 -7.32
C SER D 38 4.44 3.69 -7.95
N VAL D 39 5.55 4.36 -8.29
CA VAL D 39 5.51 5.64 -8.99
C VAL D 39 5.41 5.38 -10.47
N ASN D 40 4.66 6.24 -11.17
CA ASN D 40 4.43 6.05 -12.61
C ASN D 40 5.67 6.24 -13.49
N LYS D 41 6.15 5.14 -14.06
CA LYS D 41 7.34 5.14 -14.91
C LYS D 41 7.26 6.13 -16.07
N GLU D 42 6.05 6.34 -16.61
CA GLU D 42 5.84 7.32 -17.68
C GLU D 42 6.06 8.74 -17.14
N GLN D 43 5.26 9.15 -16.16
CA GLN D 43 5.40 10.49 -15.62
C GLN D 43 6.84 10.78 -15.19
N LEU D 44 7.45 9.82 -14.49
CA LEU D 44 8.86 9.91 -14.11
C LEU D 44 9.81 10.26 -15.29
N ALA D 45 9.70 9.48 -16.38
CA ALA D 45 10.44 9.76 -17.61
C ALA D 45 10.09 11.15 -18.19
N ARG D 46 8.78 11.44 -18.26
CA ARG D 46 8.27 12.70 -18.78
CA ARG D 46 8.34 12.71 -18.82
C ARG D 46 8.76 13.88 -17.95
N ALA D 47 8.97 13.62 -16.65
CA ALA D 47 9.43 14.65 -15.70
C ALA D 47 10.94 14.83 -15.74
N GLY D 48 11.59 14.24 -16.73
CA GLY D 48 13.04 14.37 -16.94
C GLY D 48 13.89 13.22 -16.42
N PHE D 49 13.26 12.30 -15.69
CA PHE D 49 13.99 11.29 -14.95
C PHE D 49 14.25 9.99 -15.69
N TYR D 50 15.42 9.42 -15.44
CA TYR D 50 15.73 8.04 -15.80
C TYR D 50 16.15 7.25 -14.55
N ALA D 51 15.86 5.95 -14.54
CA ALA D 51 16.15 5.10 -13.38
C ALA D 51 17.64 4.77 -13.33
N LEU D 52 18.22 4.79 -12.14
CA LEU D 52 19.65 4.52 -12.02
C LEU D 52 19.99 3.03 -11.90
N GLY D 53 19.12 2.27 -11.24
CA GLY D 53 19.33 0.83 -11.07
C GLY D 53 19.59 0.44 -9.62
N GLU D 54 19.72 1.44 -8.75
CA GLU D 54 19.84 1.19 -7.31
C GLU D 54 18.51 1.48 -6.65
N GLY D 55 17.72 0.42 -6.45
CA GLY D 55 16.40 0.54 -5.88
C GLY D 55 15.61 1.65 -6.55
N ASP D 56 14.82 2.35 -5.72
CA ASP D 56 13.93 3.42 -6.17
C ASP D 56 14.62 4.73 -6.47
N LYS D 57 15.85 4.67 -6.99
CA LYS D 57 16.60 5.88 -7.33
C LYS D 57 16.48 6.27 -8.80
N VAL D 58 16.19 7.55 -9.03
CA VAL D 58 16.17 8.10 -10.38
C VAL D 58 16.98 9.41 -10.46
N LYS D 59 17.23 9.88 -11.68
CA LYS D 59 18.05 11.07 -11.88
C LYS D 59 17.51 11.91 -13.02
N CYS D 60 17.67 13.22 -12.91
CA CYS D 60 17.32 14.13 -14.00
C CYS D 60 18.46 14.25 -15.02
N PHE D 61 18.11 14.19 -16.31
CA PHE D 61 19.09 14.35 -17.37
C PHE D 61 19.56 15.79 -17.51
N HIS D 62 18.83 16.73 -16.92
CA HIS D 62 19.18 18.12 -17.13
C HIS D 62 19.86 18.81 -15.95
N CYS D 63 19.28 18.68 -14.76
CA CYS D 63 19.83 19.31 -13.57
C CYS D 63 20.78 18.39 -12.76
N GLY D 64 20.76 17.09 -13.04
CA GLY D 64 21.53 16.13 -12.26
C GLY D 64 20.89 15.94 -10.90
N GLY D 65 19.56 15.92 -10.89
CA GLY D 65 18.80 15.77 -9.67
C GLY D 65 18.54 14.32 -9.39
N GLY D 66 18.88 13.90 -8.19
CA GLY D 66 18.62 12.53 -7.82
C GLY D 66 17.51 12.47 -6.80
N LEU D 67 16.48 11.68 -7.09
CA LEU D 67 15.42 11.46 -6.12
C LEU D 67 15.35 10.00 -5.72
N THR D 68 15.03 9.76 -4.45
CA THR D 68 14.97 8.42 -3.86
C THR D 68 13.89 8.33 -2.77
N ASP D 69 13.50 7.10 -2.40
CA ASP D 69 12.50 6.85 -1.35
C ASP D 69 11.16 7.48 -1.71
N TRP D 70 10.45 6.85 -2.62
CA TRP D 70 9.19 7.41 -3.07
C TRP D 70 8.04 6.93 -2.22
N LYS D 71 7.19 7.83 -1.76
CA LYS D 71 5.93 7.41 -1.18
C LYS D 71 5.05 6.97 -2.34
N PRO D 72 4.12 6.01 -2.10
CA PRO D 72 3.49 5.26 -3.19
C PRO D 72 2.67 6.11 -4.19
N SER D 73 2.04 7.17 -3.71
CA SER D 73 1.17 7.97 -4.54
C SER D 73 1.87 9.22 -5.06
N GLU D 74 3.17 9.34 -4.77
CA GLU D 74 3.94 10.54 -5.08
C GLU D 74 3.81 11.04 -6.54
N ASP D 75 4.02 12.34 -6.73
CA ASP D 75 4.03 12.93 -8.08
C ASP D 75 5.42 13.47 -8.45
N PRO D 76 6.14 12.76 -9.35
CA PRO D 76 7.45 13.17 -9.84
C PRO D 76 7.55 14.56 -10.47
N TRP D 77 6.43 15.14 -10.93
CA TRP D 77 6.47 16.52 -11.43
C TRP D 77 6.72 17.48 -10.29
N GLU D 78 6.00 17.28 -9.19
CA GLU D 78 6.11 18.10 -7.99
C GLU D 78 7.43 17.89 -7.27
N GLN D 79 7.81 16.63 -7.06
CA GLN D 79 9.01 16.31 -6.30
C GLN D 79 10.26 16.91 -6.90
N HIS D 80 10.23 17.05 -8.22
CA HIS D 80 11.28 17.70 -8.98
C HIS D 80 11.45 19.16 -8.54
N ALA D 81 10.32 19.86 -8.39
CA ALA D 81 10.31 21.27 -8.01
C ALA D 81 10.71 21.52 -6.54
N LYS D 82 10.24 20.67 -5.65
CA LYS D 82 10.52 20.77 -4.21
C LYS D 82 12.03 20.87 -3.97
N TRP D 83 12.81 20.09 -4.72
CA TRP D 83 14.25 19.94 -4.46
C TRP D 83 15.19 20.60 -5.48
N TYR D 84 14.86 20.46 -6.77
CA TYR D 84 15.68 20.98 -7.86
C TYR D 84 14.93 22.05 -8.70
N PRO D 85 14.69 23.23 -8.10
CA PRO D 85 13.77 24.22 -8.67
C PRO D 85 14.43 25.17 -9.64
N GLY D 86 15.73 25.01 -9.85
CA GLY D 86 16.45 25.80 -10.84
C GLY D 86 16.66 25.04 -12.13
N CYS D 87 16.01 23.89 -12.23
CA CYS D 87 16.16 23.03 -13.40
C CYS D 87 15.49 23.60 -14.64
N LYS D 88 16.30 23.91 -15.64
CA LYS D 88 15.80 24.63 -16.81
C LYS D 88 14.91 23.78 -17.74
N TYR D 89 14.93 22.46 -17.54
CA TYR D 89 13.98 21.55 -18.21
C TYR D 89 12.62 21.61 -17.54
N LEU D 90 12.61 21.44 -16.21
CA LEU D 90 11.40 21.56 -15.44
C LEU D 90 10.77 22.91 -15.74
N LEU D 91 11.63 23.92 -15.80
CA LEU D 91 11.23 25.28 -16.12
C LEU D 91 10.50 25.29 -17.46
N GLU D 92 11.10 24.72 -18.48
CA GLU D 92 10.46 24.69 -19.80
C GLU D 92 9.12 23.99 -19.75
N GLN D 93 9.12 22.80 -19.16
CA GLN D 93 7.96 21.93 -19.15
C GLN D 93 6.80 22.44 -18.29
N LYS D 94 7.09 23.29 -17.32
CA LYS D 94 6.11 23.65 -16.31
C LYS D 94 5.96 25.16 -16.02
N GLY D 95 6.83 25.97 -16.62
CA GLY D 95 6.82 27.43 -16.42
C GLY D 95 7.25 27.82 -15.02
N GLN D 96 7.60 29.09 -14.83
CA GLN D 96 8.05 29.55 -13.50
C GLN D 96 6.99 29.41 -12.40
N GLU D 97 5.72 29.50 -12.78
CA GLU D 97 4.59 29.45 -11.86
C GLU D 97 4.49 28.15 -11.07
N TYR D 98 4.42 27.02 -11.78
CA TYR D 98 4.40 25.69 -11.16
C TYR D 98 5.43 25.61 -10.04
N ILE D 99 6.70 25.72 -10.41
CA ILE D 99 7.78 25.73 -9.43
C ILE D 99 7.40 26.54 -8.17
N ASN D 100 7.06 27.81 -8.38
CA ASN D 100 6.93 28.75 -7.28
C ASN D 100 5.76 28.47 -6.37
N ASN D 101 4.66 28.01 -6.94
CA ASN D 101 3.51 27.63 -6.14
C ASN D 101 3.85 26.45 -5.22
N ILE D 102 4.63 25.50 -5.72
CA ILE D 102 5.00 24.30 -4.95
C ILE D 102 5.82 24.69 -3.73
N HIS D 103 6.57 25.78 -3.83
CA HIS D 103 7.35 26.28 -2.72
C HIS D 103 6.54 27.16 -1.78
N LEU D 104 5.75 28.06 -2.37
CA LEU D 104 4.89 28.96 -1.61
C LEU D 104 3.98 28.20 -0.64
N THR D 105 3.39 27.11 -1.11
CA THR D 105 2.52 26.27 -0.28
C THR D 105 3.30 25.64 0.89
N HIS D 106 4.51 25.16 0.64
CA HIS D 106 5.33 24.58 1.70
C HIS D 106 5.73 25.61 2.74
N SER D 107 6.02 26.82 2.28
CA SER D 107 6.46 27.90 3.14
C SER D 107 5.32 28.43 4.00
N LEU D 108 4.12 28.39 3.44
CA LEU D 108 2.92 28.72 4.19
C LEU D 108 2.73 27.74 5.34
N GLU D 109 2.85 26.44 5.05
CA GLU D 109 2.68 25.43 6.10
C GLU D 109 3.73 25.55 7.21
N GLU D 110 4.93 26.00 6.86
CA GLU D 110 5.98 26.22 7.87
C GLU D 110 5.57 27.32 8.83
N CYS D 111 4.87 28.33 8.30
CA CYS D 111 4.37 29.45 9.10
C CYS D 111 3.43 29.03 10.21
N LEU D 112 2.73 27.92 10.01
CA LEU D 112 1.74 27.46 10.96
C LEU D 112 2.33 26.33 11.80
N VAL D 113 2.63 26.62 13.06
CA VAL D 113 2.45 27.94 13.64
C VAL D 113 3.61 28.28 14.58
N SER E 6 -36.38 -5.93 -13.41
CA SER E 6 -37.10 -4.62 -13.31
C SER E 6 -37.45 -4.26 -11.86
N ASP E 7 -36.91 -5.03 -10.92
CA ASP E 7 -36.84 -4.63 -9.50
C ASP E 7 -35.55 -5.17 -8.82
N ARG E 8 -34.80 -5.98 -9.56
CA ARG E 8 -33.37 -6.25 -9.28
C ARG E 8 -32.59 -5.92 -10.55
N ASN E 9 -33.23 -5.16 -11.42
CA ASN E 9 -32.60 -4.43 -12.51
C ASN E 9 -32.57 -2.96 -12.10
N PHE E 10 -33.67 -2.56 -11.47
CA PHE E 10 -33.82 -1.29 -10.78
C PHE E 10 -32.95 -1.33 -9.52
N PRO E 11 -32.22 -0.23 -9.25
CA PRO E 11 -31.33 -0.15 -8.09
C PRO E 11 -32.00 -0.06 -6.72
N ASN E 12 -31.21 -0.31 -5.68
CA ASN E 12 -31.60 -0.12 -4.30
C ASN E 12 -31.34 1.32 -3.90
N SER E 13 -32.26 1.91 -3.16
CA SER E 13 -32.04 3.25 -2.63
C SER E 13 -32.48 3.31 -1.18
N THR E 14 -32.47 2.15 -0.52
CA THR E 14 -32.79 2.05 0.89
C THR E 14 -31.53 2.00 1.72
N ASN E 15 -31.67 2.08 3.03
CA ASN E 15 -30.54 1.99 3.95
C ASN E 15 -29.90 0.61 4.07
N LEU E 16 -30.64 -0.45 3.76
CA LEU E 16 -30.03 -1.79 3.86
C LEU E 16 -29.49 -2.35 2.54
N PRO E 17 -28.20 -2.81 2.54
CA PRO E 17 -27.44 -3.32 1.39
C PRO E 17 -28.06 -4.50 0.66
N ARG E 18 -28.06 -4.44 -0.66
CA ARG E 18 -28.58 -5.53 -1.48
C ARG E 18 -27.59 -6.71 -1.64
N ASN E 19 -26.58 -6.74 -0.77
CA ASN E 19 -25.62 -7.85 -0.71
C ASN E 19 -24.74 -7.73 0.53
N PRO E 20 -25.19 -8.29 1.68
CA PRO E 20 -24.42 -8.18 2.91
C PRO E 20 -23.07 -8.89 2.81
N SER E 21 -23.00 -9.97 2.02
CA SER E 21 -21.76 -10.75 1.86
C SER E 21 -20.56 -9.88 1.53
N MET E 22 -20.79 -8.76 0.86
CA MET E 22 -19.71 -7.87 0.43
C MET E 22 -19.72 -6.55 1.20
N ALA E 23 -20.43 -6.51 2.32
CA ALA E 23 -20.49 -5.29 3.14
C ALA E 23 -19.11 -4.93 3.66
N ASP E 24 -18.35 -5.94 4.08
CA ASP E 24 -17.01 -5.71 4.59
C ASP E 24 -16.03 -5.33 3.48
N TYR E 25 -15.15 -4.37 3.78
CA TYR E 25 -14.12 -3.93 2.86
C TYR E 25 -13.27 -5.10 2.41
N GLU E 26 -12.65 -5.79 3.36
CA GLU E 26 -11.82 -6.96 3.07
C GLU E 26 -12.47 -7.93 2.09
N ALA E 27 -13.78 -8.11 2.22
CA ALA E 27 -14.53 -9.01 1.35
C ALA E 27 -14.45 -8.59 -0.12
N ARG E 28 -14.34 -7.29 -0.37
CA ARG E 28 -14.34 -6.78 -1.74
C ARG E 28 -12.96 -6.87 -2.41
N ILE E 29 -11.91 -6.45 -1.70
CA ILE E 29 -10.54 -6.52 -2.26
C ILE E 29 -10.10 -7.95 -2.61
N PHE E 30 -10.75 -8.94 -1.99
CA PHE E 30 -10.47 -10.35 -2.25
C PHE E 30 -10.90 -10.77 -3.63
N THR E 31 -11.88 -10.06 -4.17
CA THR E 31 -12.40 -10.35 -5.50
C THR E 31 -11.55 -9.64 -6.55
N PHE E 32 -10.70 -8.73 -6.10
CA PHE E 32 -9.79 -8.03 -7.01
C PHE E 32 -8.39 -8.68 -7.06
N GLY E 33 -8.31 -9.89 -6.51
CA GLY E 33 -7.09 -10.67 -6.52
C GLY E 33 -6.41 -10.64 -7.87
N THR E 34 -7.14 -11.08 -8.90
CA THR E 34 -6.63 -11.18 -10.28
C THR E 34 -7.00 -9.95 -11.14
N TRP E 35 -7.26 -8.82 -10.49
CA TRP E 35 -7.64 -7.57 -11.17
C TRP E 35 -6.42 -6.85 -11.74
N ILE E 36 -6.17 -7.02 -13.04
CA ILE E 36 -5.08 -6.29 -13.69
C ILE E 36 -5.58 -5.18 -14.60
N TYR E 37 -6.84 -4.79 -14.41
CA TYR E 37 -7.48 -3.80 -15.26
C TYR E 37 -6.95 -2.37 -15.03
N SER E 38 -7.56 -1.40 -15.69
CA SER E 38 -6.97 -0.06 -15.85
C SER E 38 -7.31 0.98 -14.76
N VAL E 39 -8.18 0.62 -13.82
CA VAL E 39 -8.46 1.46 -12.63
C VAL E 39 -8.12 0.76 -11.33
N ASN E 40 -7.73 1.56 -10.34
CA ASN E 40 -7.17 1.05 -9.08
C ASN E 40 -8.09 0.06 -8.35
N LYS E 41 -7.53 -1.11 -8.06
CA LYS E 41 -8.29 -2.20 -7.43
C LYS E 41 -8.78 -1.83 -6.02
N GLU E 42 -7.93 -1.17 -5.23
CA GLU E 42 -8.35 -0.66 -3.94
C GLU E 42 -9.48 0.33 -4.17
N GLN E 43 -9.22 1.34 -4.99
CA GLN E 43 -10.18 2.38 -5.33
C GLN E 43 -11.62 1.87 -5.49
N LEU E 44 -11.78 0.79 -6.24
CA LEU E 44 -13.10 0.25 -6.52
C LEU E 44 -13.76 -0.32 -5.30
N ALA E 45 -12.99 -1.08 -4.52
CA ALA E 45 -13.48 -1.68 -3.28
C ALA E 45 -13.87 -0.59 -2.30
N ARG E 46 -12.91 0.26 -1.93
CA ARG E 46 -13.14 1.37 -1.02
C ARG E 46 -14.45 2.10 -1.35
N ALA E 47 -14.77 2.19 -2.64
CA ALA E 47 -15.99 2.84 -3.12
C ALA E 47 -17.22 1.94 -3.11
N GLY E 48 -17.08 0.73 -2.57
CA GLY E 48 -18.21 -0.18 -2.37
C GLY E 48 -18.43 -1.23 -3.43
N PHE E 49 -17.49 -1.34 -4.37
CA PHE E 49 -17.60 -2.30 -5.48
C PHE E 49 -16.87 -3.62 -5.24
N TYR E 50 -17.40 -4.69 -5.82
CA TYR E 50 -16.72 -5.98 -5.84
C TYR E 50 -16.66 -6.55 -7.25
N ALA E 51 -15.51 -7.11 -7.62
CA ALA E 51 -15.28 -7.62 -8.97
C ALA E 51 -16.15 -8.83 -9.26
N LEU E 52 -17.00 -8.73 -10.29
CA LEU E 52 -17.91 -9.81 -10.61
C LEU E 52 -17.22 -11.07 -11.11
N GLY E 53 -15.93 -10.98 -11.40
CA GLY E 53 -15.23 -12.05 -12.11
C GLY E 53 -15.44 -12.01 -13.62
N GLU E 54 -16.68 -11.73 -14.04
CA GLU E 54 -17.00 -11.59 -15.46
C GLU E 54 -16.42 -10.27 -15.97
N GLY E 55 -15.63 -10.34 -17.04
CA GLY E 55 -14.94 -9.20 -17.64
C GLY E 55 -14.51 -8.05 -16.73
N ASP E 56 -14.69 -6.84 -17.24
CA ASP E 56 -14.39 -5.59 -16.57
C ASP E 56 -15.39 -5.27 -15.44
N LYS E 57 -16.47 -6.05 -15.40
CA LYS E 57 -17.66 -5.69 -14.65
C LYS E 57 -17.50 -5.77 -13.14
N VAL E 58 -18.11 -4.79 -12.48
CA VAL E 58 -18.18 -4.73 -11.03
C VAL E 58 -19.54 -4.17 -10.61
N LYS E 59 -20.16 -4.81 -9.61
CA LYS E 59 -21.36 -4.26 -8.98
C LYS E 59 -21.03 -3.65 -7.62
N CYS E 60 -21.77 -2.63 -7.24
CA CYS E 60 -21.71 -2.12 -5.88
C CYS E 60 -22.46 -3.05 -4.93
N PHE E 61 -22.01 -3.13 -3.68
CA PHE E 61 -22.59 -4.07 -2.73
C PHE E 61 -23.90 -3.58 -2.12
N HIS E 62 -23.97 -2.28 -1.84
CA HIS E 62 -25.13 -1.71 -1.19
C HIS E 62 -26.31 -1.52 -2.15
N CYS E 63 -26.15 -0.62 -3.12
CA CYS E 63 -27.21 -0.35 -4.10
C CYS E 63 -27.36 -1.45 -5.17
N GLY E 64 -26.25 -2.13 -5.47
CA GLY E 64 -26.28 -3.26 -6.40
C GLY E 64 -26.08 -2.87 -7.86
N GLY E 65 -25.96 -1.57 -8.12
CA GLY E 65 -25.71 -1.12 -9.48
C GLY E 65 -24.35 -1.56 -9.94
N GLY E 66 -24.21 -1.82 -11.24
CA GLY E 66 -22.94 -2.29 -11.82
C GLY E 66 -22.32 -1.42 -12.91
N LEU E 67 -21.00 -1.51 -13.07
CA LEU E 67 -20.28 -0.71 -14.08
C LEU E 67 -19.30 -1.53 -14.94
N THR E 68 -19.07 -1.08 -16.18
CA THR E 68 -18.17 -1.74 -17.15
C THR E 68 -17.33 -0.73 -17.94
N ASP E 69 -16.41 -1.22 -18.76
CA ASP E 69 -15.59 -0.39 -19.65
C ASP E 69 -14.87 0.75 -18.96
N TRP E 70 -14.18 0.42 -17.88
CA TRP E 70 -13.34 1.37 -17.20
C TRP E 70 -12.19 1.76 -18.12
N LYS E 71 -12.20 3.03 -18.54
CA LYS E 71 -11.11 3.58 -19.32
C LYS E 71 -9.97 3.97 -18.36
N PRO E 72 -8.71 3.86 -18.82
CA PRO E 72 -7.57 4.19 -17.98
C PRO E 72 -7.79 5.37 -17.04
N SER E 73 -7.65 5.13 -15.73
CA SER E 73 -7.59 6.19 -14.71
C SER E 73 -8.89 6.94 -14.39
N GLU E 74 -10.02 6.24 -14.42
CA GLU E 74 -11.29 6.87 -14.04
C GLU E 74 -11.52 6.75 -12.54
N ASP E 75 -12.38 7.62 -12.02
CA ASP E 75 -12.69 7.68 -10.59
C ASP E 75 -13.90 6.81 -10.25
N PRO E 76 -13.69 5.74 -9.46
CA PRO E 76 -14.78 4.86 -9.01
C PRO E 76 -15.78 5.59 -8.12
N TRP E 77 -15.32 6.63 -7.42
CA TRP E 77 -16.21 7.41 -6.58
C TRP E 77 -17.14 8.29 -7.42
N GLU E 78 -16.56 9.03 -8.36
CA GLU E 78 -17.32 9.82 -9.32
C GLU E 78 -18.31 8.96 -10.10
N GLN E 79 -17.85 7.84 -10.64
CA GLN E 79 -18.72 6.96 -11.42
C GLN E 79 -19.92 6.45 -10.62
N HIS E 80 -19.69 6.14 -9.35
CA HIS E 80 -20.75 5.67 -8.46
C HIS E 80 -21.86 6.70 -8.45
N ALA E 81 -21.49 7.95 -8.21
CA ALA E 81 -22.45 9.06 -8.14
C ALA E 81 -23.18 9.32 -9.45
N LYS E 82 -22.44 9.37 -10.56
CA LYS E 82 -22.99 9.67 -11.90
C LYS E 82 -24.15 8.76 -12.28
N TRP E 83 -23.95 7.45 -12.13
CA TRP E 83 -24.88 6.44 -12.66
C TRP E 83 -25.91 5.91 -11.65
N TYR E 84 -25.52 5.87 -10.37
CA TYR E 84 -26.40 5.39 -9.29
C TYR E 84 -26.45 6.32 -8.07
N PRO E 85 -26.89 7.58 -8.24
CA PRO E 85 -26.84 8.61 -7.19
C PRO E 85 -27.72 8.35 -5.95
N GLY E 86 -28.73 7.49 -6.09
CA GLY E 86 -29.62 7.16 -4.97
C GLY E 86 -29.10 6.10 -4.03
N CYS E 87 -27.79 5.88 -4.05
CA CYS E 87 -27.13 4.88 -3.21
C CYS E 87 -26.85 5.40 -1.79
N LYS E 88 -27.44 4.76 -0.77
CA LYS E 88 -27.27 5.23 0.61
C LYS E 88 -25.86 5.01 1.21
N TYR E 89 -25.12 4.02 0.70
CA TYR E 89 -23.69 3.86 1.03
C TYR E 89 -22.86 5.03 0.49
N LEU E 90 -23.27 5.55 -0.66
CA LEU E 90 -22.59 6.67 -1.28
C LEU E 90 -22.81 7.94 -0.46
N LEU E 91 -24.08 8.27 -0.21
CA LEU E 91 -24.44 9.32 0.72
C LEU E 91 -23.73 9.15 2.07
N GLU E 92 -23.62 7.90 2.53
CA GLU E 92 -22.92 7.57 3.78
C GLU E 92 -21.46 7.99 3.78
N GLN E 93 -20.80 7.86 2.64
CA GLN E 93 -19.35 8.05 2.56
C GLN E 93 -18.93 9.46 2.19
N LYS E 94 -19.60 10.00 1.17
CA LYS E 94 -19.20 11.26 0.56
C LYS E 94 -20.24 12.36 0.75
N GLY E 95 -21.42 11.99 1.25
CA GLY E 95 -22.49 12.92 1.55
C GLY E 95 -23.25 13.40 0.33
N GLN E 96 -24.52 13.75 0.56
CA GLN E 96 -25.42 14.28 -0.48
C GLN E 96 -24.79 15.42 -1.26
N GLU E 97 -23.96 16.19 -0.56
CA GLU E 97 -23.21 17.28 -1.15
C GLU E 97 -22.38 16.86 -2.36
N TYR E 98 -21.44 15.94 -2.13
CA TYR E 98 -20.58 15.42 -3.19
C TYR E 98 -21.36 15.00 -4.44
N ILE E 99 -22.40 14.20 -4.25
CA ILE E 99 -23.18 13.61 -5.33
C ILE E 99 -23.86 14.70 -6.17
N ASN E 100 -24.32 15.75 -5.51
CA ASN E 100 -24.89 16.88 -6.22
C ASN E 100 -23.92 17.59 -7.18
N ASN E 101 -22.65 17.63 -6.80
CA ASN E 101 -21.61 18.26 -7.62
C ASN E 101 -21.31 17.49 -8.89
N ILE E 102 -21.30 16.15 -8.80
CA ILE E 102 -21.06 15.32 -9.97
C ILE E 102 -22.12 15.64 -11.02
N HIS E 103 -23.37 15.73 -10.60
CA HIS E 103 -24.45 15.98 -11.54
C HIS E 103 -24.55 17.43 -12.00
N LEU E 104 -24.37 18.38 -11.08
CA LEU E 104 -24.32 19.79 -11.44
C LEU E 104 -23.28 20.00 -12.55
N THR E 105 -22.16 19.29 -12.46
CA THR E 105 -21.06 19.40 -13.42
C THR E 105 -21.48 19.01 -14.83
N HIS E 106 -22.08 17.82 -14.95
CA HIS E 106 -22.55 17.31 -16.25
C HIS E 106 -23.65 18.18 -16.85
N SER E 107 -24.66 18.48 -16.04
CA SER E 107 -25.74 19.40 -16.44
C SER E 107 -25.20 20.74 -16.92
N LEU E 108 -23.96 21.05 -16.53
CA LEU E 108 -23.27 22.26 -16.97
C LEU E 108 -22.71 22.03 -18.36
N GLU E 109 -21.99 20.92 -18.52
CA GLU E 109 -21.42 20.58 -19.82
C GLU E 109 -22.55 20.46 -20.85
N GLU E 110 -23.69 19.94 -20.43
CA GLU E 110 -24.85 19.78 -21.31
C GLU E 110 -25.24 21.09 -21.96
N CYS E 111 -25.38 22.13 -21.15
CA CYS E 111 -25.83 23.44 -21.62
C CYS E 111 -25.11 23.86 -22.92
N LEU E 112 -23.79 24.08 -22.83
CA LEU E 112 -22.91 24.24 -24.01
C LEU E 112 -23.48 25.04 -25.21
N VAL E 113 -23.97 26.24 -24.91
CA VAL E 113 -24.54 27.14 -25.92
C VAL E 113 -23.44 27.80 -26.76
N SER F 6 -2.00 -41.53 40.96
CA SER F 6 -3.19 -41.36 40.08
C SER F 6 -2.84 -41.50 38.59
N ASP F 7 -3.04 -42.70 38.04
CA ASP F 7 -2.61 -43.00 36.67
C ASP F 7 -3.63 -43.69 35.74
N ARG F 8 -3.99 -43.01 34.65
CA ARG F 8 -4.61 -43.66 33.49
C ARG F 8 -3.41 -43.90 32.60
N ASN F 9 -3.48 -44.85 31.68
CA ASN F 9 -2.30 -45.07 30.85
C ASN F 9 -2.18 -44.05 29.73
N PHE F 10 -3.31 -43.72 29.11
CA PHE F 10 -3.31 -42.73 28.05
C PHE F 10 -2.98 -41.33 28.58
N PRO F 11 -2.24 -40.53 27.80
CA PRO F 11 -1.86 -39.22 28.30
C PRO F 11 -2.69 -38.05 27.73
N ASN F 12 -2.61 -36.92 28.44
CA ASN F 12 -3.44 -35.76 28.22
C ASN F 12 -2.83 -34.83 27.19
N SER F 13 -3.48 -34.73 26.04
CA SER F 13 -3.04 -33.77 25.01
C SER F 13 -4.05 -32.64 24.83
N THR F 14 -4.67 -32.23 25.94
CA THR F 14 -5.57 -31.06 25.99
C THR F 14 -5.00 -29.92 26.85
N ASN F 15 -5.76 -28.83 26.97
CA ASN F 15 -5.36 -27.65 27.74
C ASN F 15 -5.51 -27.80 29.24
N LEU F 16 -6.35 -28.74 29.67
CA LEU F 16 -6.63 -28.91 31.08
C LEU F 16 -5.59 -29.78 31.75
N PRO F 17 -4.86 -29.19 32.74
CA PRO F 17 -3.82 -29.86 33.53
C PRO F 17 -4.36 -31.05 34.33
N ARG F 18 -3.54 -32.07 34.47
CA ARG F 18 -3.95 -33.30 35.15
C ARG F 18 -3.94 -33.14 36.66
N ASN F 19 -2.82 -32.66 37.18
CA ASN F 19 -2.65 -32.39 38.61
C ASN F 19 -2.30 -30.93 38.82
N PRO F 20 -3.32 -30.06 38.88
CA PRO F 20 -3.08 -28.62 39.02
C PRO F 20 -2.33 -28.27 40.30
N SER F 21 -2.29 -29.24 41.22
CA SER F 21 -1.49 -29.17 42.44
C SER F 21 -0.02 -28.94 42.11
N MET F 22 0.39 -29.36 40.92
CA MET F 22 1.80 -29.28 40.54
C MET F 22 2.02 -28.32 39.38
N ALA F 23 1.09 -27.38 39.22
CA ALA F 23 1.17 -26.42 38.12
C ALA F 23 2.28 -25.37 38.31
N ASP F 24 2.64 -25.05 39.55
CA ASP F 24 3.76 -24.15 39.78
C ASP F 24 5.10 -24.90 39.78
N TYR F 25 6.17 -24.18 39.43
CA TYR F 25 7.53 -24.64 39.70
C TYR F 25 7.68 -24.82 41.21
N GLU F 26 7.25 -23.83 41.99
CA GLU F 26 7.40 -23.81 43.45
C GLU F 26 6.81 -25.04 44.16
N ALA F 27 5.90 -25.74 43.50
CA ALA F 27 5.29 -26.92 44.09
C ALA F 27 6.03 -28.16 43.66
N ARG F 28 6.60 -28.11 42.46
CA ARG F 28 7.28 -29.27 41.89
C ARG F 28 8.65 -29.60 42.48
N ILE F 29 9.41 -28.59 42.90
CA ILE F 29 10.80 -28.81 43.30
C ILE F 29 10.96 -29.44 44.67
N PHE F 30 9.89 -29.41 45.48
CA PHE F 30 9.93 -30.07 46.79
C PHE F 30 9.80 -31.58 46.66
N THR F 31 9.28 -32.01 45.52
CA THR F 31 9.10 -33.43 45.22
C THR F 31 10.43 -34.13 44.91
N PHE F 32 11.46 -33.35 44.67
CA PHE F 32 12.78 -33.91 44.38
C PHE F 32 13.69 -33.96 45.61
N GLY F 33 13.10 -33.79 46.79
CA GLY F 33 13.81 -33.80 48.07
C GLY F 33 14.76 -34.96 48.22
N THR F 34 14.35 -36.12 47.70
CA THR F 34 15.22 -37.28 47.63
C THR F 34 15.31 -37.74 46.20
N TRP F 35 16.07 -36.99 45.41
CA TRP F 35 16.38 -37.38 44.05
C TRP F 35 17.85 -37.70 44.01
N ILE F 36 18.18 -38.98 44.08
CA ILE F 36 19.58 -39.41 44.03
C ILE F 36 20.14 -39.57 42.61
N TYR F 37 19.27 -39.47 41.61
CA TYR F 37 19.63 -39.75 40.22
C TYR F 37 20.34 -38.58 39.57
N SER F 38 20.93 -38.82 38.39
CA SER F 38 21.86 -37.89 37.79
C SER F 38 21.27 -36.68 37.09
N VAL F 39 20.16 -36.85 36.38
CA VAL F 39 19.55 -35.70 35.68
C VAL F 39 19.24 -34.56 36.64
N ASN F 40 19.48 -33.33 36.18
CA ASN F 40 19.28 -32.10 36.96
C ASN F 40 17.87 -31.90 37.53
N LYS F 41 17.78 -31.71 38.86
CA LYS F 41 16.47 -31.56 39.52
C LYS F 41 15.74 -30.25 39.20
N GLU F 42 16.48 -29.13 39.16
CA GLU F 42 15.89 -27.85 38.74
C GLU F 42 15.17 -28.03 37.42
N GLN F 43 15.90 -28.50 36.41
CA GLN F 43 15.36 -28.56 35.08
C GLN F 43 14.20 -29.56 34.95
N LEU F 44 14.33 -30.73 35.57
CA LEU F 44 13.20 -31.68 35.60
C LEU F 44 11.90 -30.97 35.98
N ALA F 45 11.98 -30.11 36.99
CA ALA F 45 10.85 -29.32 37.44
C ALA F 45 10.47 -28.19 36.45
N ARG F 46 11.46 -27.42 35.99
CA ARG F 46 11.20 -26.32 35.07
C ARG F 46 10.47 -26.85 33.85
N ALA F 47 10.79 -28.08 33.48
CA ALA F 47 10.21 -28.73 32.29
C ALA F 47 8.85 -29.35 32.56
N GLY F 48 8.33 -29.17 33.77
CA GLY F 48 6.98 -29.57 34.10
C GLY F 48 6.83 -30.89 34.84
N PHE F 49 7.93 -31.49 35.25
CA PHE F 49 7.85 -32.72 36.00
C PHE F 49 7.94 -32.55 37.52
N TYR F 50 7.12 -33.33 38.22
CA TYR F 50 7.33 -33.61 39.62
C TYR F 50 7.75 -35.06 39.75
N ALA F 51 8.21 -35.43 40.94
CA ALA F 51 8.71 -36.78 41.19
C ALA F 51 7.74 -37.66 41.96
N LEU F 52 7.41 -38.83 41.39
CA LEU F 52 6.70 -39.86 42.12
C LEU F 52 7.66 -40.38 43.19
N GLY F 53 7.13 -40.90 44.29
CA GLY F 53 7.98 -41.38 45.37
C GLY F 53 9.06 -42.37 44.94
N GLU F 54 8.70 -43.23 43.99
CA GLU F 54 9.49 -44.41 43.59
C GLU F 54 10.55 -44.16 42.54
N GLY F 55 11.67 -44.89 42.65
CA GLY F 55 12.71 -44.92 41.63
C GLY F 55 13.03 -43.56 41.08
N ASP F 56 13.30 -43.48 39.78
CA ASP F 56 13.46 -42.17 39.12
C ASP F 56 12.19 -41.76 38.36
N LYS F 57 11.06 -42.35 38.76
CA LYS F 57 9.77 -42.06 38.15
C LYS F 57 9.35 -40.62 38.37
N VAL F 58 9.13 -39.90 37.27
CA VAL F 58 8.57 -38.54 37.30
C VAL F 58 7.38 -38.42 36.33
N LYS F 59 6.41 -37.60 36.70
CA LYS F 59 5.27 -37.32 35.83
C LYS F 59 5.17 -35.84 35.55
N CYS F 60 4.41 -35.53 34.51
CA CYS F 60 4.17 -34.17 34.12
C CYS F 60 2.89 -33.69 34.80
N PHE F 61 2.94 -32.47 35.30
CA PHE F 61 1.77 -31.85 35.92
C PHE F 61 0.68 -31.63 34.89
N HIS F 62 1.09 -31.48 33.63
CA HIS F 62 0.14 -31.16 32.58
C HIS F 62 -0.39 -32.35 31.77
N CYS F 63 0.50 -33.15 31.21
CA CYS F 63 0.04 -34.28 30.38
C CYS F 63 -0.05 -35.62 31.13
N GLY F 64 0.54 -35.68 32.32
CA GLY F 64 0.51 -36.88 33.15
C GLY F 64 1.38 -37.99 32.60
N GLY F 65 2.20 -37.63 31.61
CA GLY F 65 3.09 -38.58 30.99
C GLY F 65 4.27 -38.80 31.90
N GLY F 66 4.64 -40.05 32.10
CA GLY F 66 5.68 -40.39 33.06
C GLY F 66 6.95 -40.95 32.43
N LEU F 67 8.09 -40.52 32.98
CA LEU F 67 9.39 -40.92 32.46
C LEU F 67 10.22 -41.63 33.52
N THR F 68 10.90 -42.71 33.11
CA THR F 68 11.79 -43.50 34.00
C THR F 68 13.05 -43.93 33.26
N ASP F 69 13.85 -44.76 33.93
CA ASP F 69 15.12 -45.27 33.39
C ASP F 69 15.96 -44.14 32.78
N TRP F 70 16.26 -43.13 33.60
CA TRP F 70 17.05 -41.98 33.14
C TRP F 70 18.51 -42.34 32.89
N LYS F 71 19.16 -41.60 32.00
CA LYS F 71 20.60 -41.73 31.81
C LYS F 71 21.23 -40.43 32.29
N PRO F 72 22.45 -40.50 32.84
CA PRO F 72 23.09 -39.33 33.44
C PRO F 72 23.15 -38.16 32.49
N SER F 73 22.77 -36.99 32.99
CA SER F 73 22.81 -35.72 32.25
C SER F 73 22.05 -35.68 30.89
N GLU F 74 21.01 -36.51 30.76
CA GLU F 74 20.04 -36.37 29.67
C GLU F 74 19.25 -35.10 29.87
N ASP F 75 18.60 -34.63 28.81
CA ASP F 75 17.84 -33.39 28.88
C ASP F 75 16.33 -33.63 29.13
N PRO F 76 15.81 -33.20 30.30
CA PRO F 76 14.40 -33.41 30.67
C PRO F 76 13.43 -32.78 29.68
N TRP F 77 13.85 -31.69 29.04
CA TRP F 77 13.04 -31.02 28.03
C TRP F 77 12.92 -31.91 26.81
N GLU F 78 14.07 -32.39 26.34
CA GLU F 78 14.14 -33.15 25.12
C GLU F 78 13.32 -34.44 25.19
N GLN F 79 13.36 -35.10 26.35
CA GLN F 79 12.63 -36.35 26.58
C GLN F 79 11.14 -36.10 26.72
N HIS F 80 10.76 -34.84 27.00
CA HIS F 80 9.37 -34.49 27.13
C HIS F 80 8.77 -34.54 25.73
N ALA F 81 9.37 -33.77 24.81
CA ALA F 81 8.93 -33.71 23.41
C ALA F 81 9.03 -35.05 22.69
N LYS F 82 10.04 -35.84 23.05
CA LYS F 82 10.28 -37.11 22.43
C LYS F 82 9.16 -38.10 22.73
N TRP F 83 8.63 -38.05 23.94
CA TRP F 83 7.65 -39.06 24.38
C TRP F 83 6.21 -38.55 24.44
N TYR F 84 6.04 -37.28 24.77
CA TYR F 84 4.70 -36.73 24.93
C TYR F 84 4.50 -35.45 24.09
N PRO F 85 4.46 -35.61 22.75
CA PRO F 85 4.43 -34.46 21.84
C PRO F 85 3.12 -33.65 21.89
N GLY F 86 2.07 -34.26 22.42
CA GLY F 86 0.76 -33.61 22.48
C GLY F 86 0.66 -32.59 23.59
N CYS F 87 1.56 -32.70 24.56
CA CYS F 87 1.52 -31.93 25.80
C CYS F 87 1.46 -30.40 25.62
N LYS F 88 0.37 -29.81 26.08
CA LYS F 88 0.17 -28.38 25.81
C LYS F 88 1.01 -27.43 26.67
N TYR F 89 1.58 -27.96 27.76
CA TYR F 89 2.51 -27.18 28.57
C TYR F 89 3.86 -27.14 27.92
N LEU F 90 4.18 -28.19 27.17
CA LEU F 90 5.42 -28.26 26.42
C LEU F 90 5.38 -27.29 25.25
N LEU F 91 4.22 -27.24 24.58
CA LEU F 91 4.02 -26.37 23.44
C LEU F 91 4.10 -24.95 23.91
N GLU F 92 3.44 -24.69 25.04
CA GLU F 92 3.38 -23.38 25.63
C GLU F 92 4.75 -22.92 26.14
N GLN F 93 5.75 -23.77 26.02
CA GLN F 93 7.03 -23.52 26.67
C GLN F 93 8.24 -23.65 25.76
N LYS F 94 8.05 -24.28 24.61
CA LYS F 94 9.15 -24.46 23.66
C LYS F 94 8.75 -24.25 22.19
N GLY F 95 7.45 -24.13 21.92
CA GLY F 95 6.97 -23.98 20.55
C GLY F 95 6.96 -25.30 19.80
N GLN F 96 6.07 -25.40 18.83
CA GLN F 96 5.90 -26.63 18.06
C GLN F 96 7.13 -26.96 17.26
N GLU F 97 7.90 -25.95 16.88
CA GLU F 97 9.13 -26.14 16.13
C GLU F 97 10.15 -27.00 16.89
N TYR F 98 10.30 -26.74 18.19
CA TYR F 98 11.19 -27.56 19.03
C TYR F 98 10.71 -29.00 19.12
N ILE F 99 9.42 -29.19 19.45
CA ILE F 99 8.78 -30.52 19.44
C ILE F 99 9.08 -31.22 18.11
N ASN F 100 8.90 -30.48 17.02
CA ASN F 100 9.14 -30.98 15.68
C ASN F 100 10.60 -31.31 15.43
N ASN F 101 11.49 -30.49 16.00
CA ASN F 101 12.93 -30.65 15.85
C ASN F 101 13.43 -31.93 16.49
N ILE F 102 12.85 -32.26 17.64
CA ILE F 102 13.27 -33.43 18.39
C ILE F 102 12.89 -34.70 17.64
N HIS F 103 11.67 -34.71 17.12
CA HIS F 103 11.14 -35.87 16.41
C HIS F 103 11.80 -36.13 15.05
N LEU F 104 12.39 -35.08 14.49
CA LEU F 104 13.08 -35.18 13.22
C LEU F 104 14.51 -35.65 13.42
N THR F 105 15.25 -35.01 14.34
CA THR F 105 16.61 -35.45 14.67
C THR F 105 16.65 -36.94 14.96
N HIS F 106 15.61 -37.46 15.63
CA HIS F 106 15.45 -38.91 15.85
C HIS F 106 14.99 -39.63 14.59
N SER F 107 13.96 -39.10 13.95
CA SER F 107 13.41 -39.69 12.73
C SER F 107 14.47 -39.86 11.64
N LEU F 108 15.36 -38.86 11.52
CA LEU F 108 16.51 -38.92 10.62
C LEU F 108 17.51 -39.96 11.08
N GLU F 109 17.90 -39.90 12.35
CA GLU F 109 18.83 -40.86 12.93
C GLU F 109 18.52 -42.27 12.44
N GLU F 110 17.26 -42.65 12.61
CA GLU F 110 16.71 -43.93 12.20
C GLU F 110 17.12 -44.35 10.78
N CYS F 111 16.89 -43.47 9.80
CA CYS F 111 17.13 -43.77 8.39
C CYS F 111 18.55 -44.29 8.10
N LEU F 112 19.44 -44.19 9.09
CA LEU F 112 20.85 -44.57 8.96
C LEU F 112 21.22 -45.97 9.52
N VAL F 113 21.59 -46.93 8.65
CA VAL F 113 21.58 -46.81 7.19
C VAL F 113 20.23 -47.27 6.64
N ARG G 8 16.88 -28.18 -9.98
CA ARG G 8 17.36 -28.53 -8.61
C ARG G 8 18.81 -29.01 -8.69
N ASN G 9 19.31 -29.71 -7.69
CA ASN G 9 18.59 -29.99 -6.46
C ASN G 9 19.36 -29.75 -5.16
N PHE G 10 18.80 -30.28 -4.09
CA PHE G 10 19.24 -30.05 -2.75
C PHE G 10 20.47 -30.87 -2.37
N PRO G 11 21.61 -30.20 -2.12
CA PRO G 11 22.83 -30.89 -1.70
C PRO G 11 22.60 -31.50 -0.33
N ASN G 12 23.34 -32.54 0.03
CA ASN G 12 23.06 -33.18 1.33
C ASN G 12 23.92 -32.74 2.50
N SER G 13 23.26 -32.09 3.45
CA SER G 13 23.83 -31.78 4.77
C SER G 13 24.21 -33.08 5.47
N THR G 14 23.70 -34.20 4.95
CA THR G 14 23.83 -35.53 5.55
C THR G 14 25.25 -36.06 5.59
N ASN G 15 25.41 -37.15 6.33
CA ASN G 15 26.71 -37.70 6.64
C ASN G 15 27.20 -38.77 5.67
N LEU G 16 26.26 -39.39 4.96
CA LEU G 16 26.59 -40.42 3.98
C LEU G 16 26.67 -39.84 2.56
N PRO G 17 27.72 -40.22 1.80
CA PRO G 17 28.02 -39.66 0.47
C PRO G 17 26.95 -39.97 -0.58
N ARG G 18 26.97 -39.19 -1.67
CA ARG G 18 25.99 -39.34 -2.75
C ARG G 18 26.47 -40.21 -3.91
N ASN G 19 27.78 -40.20 -4.17
CA ASN G 19 28.37 -41.08 -5.17
C ASN G 19 29.54 -41.87 -4.58
N PRO G 20 29.24 -42.90 -3.75
CA PRO G 20 30.29 -43.56 -2.95
C PRO G 20 31.39 -44.15 -3.82
N SER G 21 31.13 -44.23 -5.12
CA SER G 21 32.09 -44.74 -6.10
C SER G 21 33.24 -43.75 -6.33
N MET G 22 32.96 -42.46 -6.20
CA MET G 22 34.01 -41.43 -6.30
C MET G 22 34.62 -41.05 -4.95
N ALA G 23 34.57 -41.98 -4.00
CA ALA G 23 35.09 -41.77 -2.66
C ALA G 23 36.62 -41.73 -2.60
N ASP G 24 37.28 -42.70 -3.21
CA ASP G 24 38.73 -42.78 -3.13
C ASP G 24 39.39 -41.86 -4.14
N TYR G 25 40.36 -41.09 -3.65
CA TYR G 25 41.09 -40.10 -4.43
C TYR G 25 41.42 -40.56 -5.84
N GLU G 26 41.98 -41.78 -5.92
CA GLU G 26 42.44 -42.37 -7.17
C GLU G 26 41.38 -42.43 -8.25
N ALA G 27 40.13 -42.63 -7.84
CA ALA G 27 38.99 -42.63 -8.76
C ALA G 27 38.74 -41.22 -9.31
N ARG G 28 38.97 -40.23 -8.45
CA ARG G 28 38.66 -38.84 -8.78
C ARG G 28 39.61 -38.22 -9.80
N ILE G 29 40.92 -38.22 -9.51
CA ILE G 29 41.90 -37.63 -10.42
C ILE G 29 41.86 -38.22 -11.82
N PHE G 30 41.28 -39.42 -11.94
CA PHE G 30 41.13 -40.09 -13.23
C PHE G 30 40.23 -39.31 -14.20
N THR G 31 39.20 -38.64 -13.66
CA THR G 31 38.36 -37.76 -14.44
C THR G 31 39.18 -36.61 -15.00
N PHE G 32 40.17 -36.16 -14.21
CA PHE G 32 41.01 -35.03 -14.60
C PHE G 32 42.23 -35.44 -15.40
N GLY G 33 42.16 -36.60 -16.04
CA GLY G 33 43.26 -37.07 -16.88
C GLY G 33 43.34 -36.28 -18.17
N THR G 34 42.19 -35.80 -18.63
CA THR G 34 42.10 -34.98 -19.82
C THR G 34 42.16 -33.50 -19.46
N TRP G 35 41.70 -33.20 -18.24
CA TRP G 35 41.55 -31.83 -17.70
C TRP G 35 42.64 -30.86 -18.15
N ILE G 36 42.19 -29.69 -18.61
CA ILE G 36 43.06 -28.71 -19.28
C ILE G 36 42.77 -27.27 -18.87
N TYR G 37 42.17 -27.07 -17.69
CA TYR G 37 41.79 -25.73 -17.23
C TYR G 37 42.77 -25.08 -16.27
N SER G 38 42.64 -23.77 -16.13
CA SER G 38 43.52 -22.95 -15.29
C SER G 38 43.32 -23.18 -13.79
N VAL G 39 42.57 -24.22 -13.45
CA VAL G 39 42.37 -24.62 -12.07
C VAL G 39 43.07 -25.94 -11.87
N ASN G 40 43.85 -26.04 -10.79
CA ASN G 40 44.63 -27.22 -10.47
C ASN G 40 43.76 -28.48 -10.39
N LYS G 41 44.13 -29.48 -11.18
CA LYS G 41 43.43 -30.78 -11.21
C LYS G 41 43.65 -31.60 -9.94
N GLU G 42 44.90 -31.63 -9.47
CA GLU G 42 45.26 -32.40 -8.28
C GLU G 42 44.80 -31.71 -6.99
N GLN G 43 44.45 -30.44 -7.10
CA GLN G 43 43.85 -29.73 -5.98
C GLN G 43 42.35 -30.00 -5.87
N LEU G 44 41.67 -29.99 -7.02
CA LEU G 44 40.23 -30.24 -7.10
C LEU G 44 39.90 -31.62 -6.55
N ALA G 45 40.68 -32.61 -6.97
CA ALA G 45 40.44 -33.98 -6.57
C ALA G 45 40.63 -34.13 -5.07
N ARG G 46 41.71 -33.54 -4.55
CA ARG G 46 41.94 -33.50 -3.11
C ARG G 46 40.71 -32.95 -2.38
N ALA G 47 40.03 -32.00 -3.01
CA ALA G 47 38.90 -31.29 -2.41
C ALA G 47 37.52 -32.00 -2.55
N GLY G 48 37.53 -33.26 -3.02
CA GLY G 48 36.30 -34.06 -3.17
C GLY G 48 35.66 -34.08 -4.56
N PHE G 49 36.19 -33.28 -5.48
CA PHE G 49 35.58 -33.04 -6.80
C PHE G 49 36.01 -34.03 -7.89
N TYR G 50 35.08 -34.33 -8.80
CA TYR G 50 35.36 -35.09 -10.01
C TYR G 50 34.77 -34.37 -11.24
N ALA G 51 35.49 -34.46 -12.35
CA ALA G 51 35.06 -33.84 -13.60
C ALA G 51 33.85 -34.55 -14.14
N LEU G 52 32.99 -33.79 -14.80
CA LEU G 52 31.75 -34.33 -15.35
C LEU G 52 31.88 -34.57 -16.85
N GLY G 53 33.02 -34.17 -17.42
CA GLY G 53 33.29 -34.43 -18.83
C GLY G 53 32.94 -33.25 -19.70
N GLU G 54 31.78 -32.65 -19.45
CA GLU G 54 31.36 -31.46 -20.17
C GLU G 54 31.86 -30.20 -19.47
N GLY G 55 32.65 -29.40 -20.18
CA GLY G 55 33.20 -28.14 -19.68
C GLY G 55 34.12 -28.30 -18.49
N ASP G 56 34.12 -27.30 -17.61
CA ASP G 56 34.87 -27.32 -16.34
C ASP G 56 34.03 -27.84 -15.16
N LYS G 57 32.80 -28.25 -15.48
CA LYS G 57 31.81 -28.70 -14.51
C LYS G 57 32.29 -29.87 -13.65
N VAL G 58 32.48 -29.62 -12.36
CA VAL G 58 32.92 -30.66 -11.41
C VAL G 58 31.90 -30.89 -10.31
N LYS G 59 32.01 -32.02 -9.63
CA LYS G 59 31.04 -32.33 -8.60
C LYS G 59 31.68 -33.04 -7.40
N CYS G 60 31.33 -32.61 -6.20
CA CYS G 60 31.82 -33.25 -4.99
C CYS G 60 31.11 -34.57 -4.82
N PHE G 61 31.89 -35.60 -4.51
CA PHE G 61 31.36 -36.95 -4.37
C PHE G 61 30.41 -37.08 -3.19
N HIS G 62 30.66 -36.29 -2.13
CA HIS G 62 29.90 -36.45 -0.89
C HIS G 62 28.60 -35.68 -0.84
N CYS G 63 28.63 -34.39 -1.17
CA CYS G 63 27.45 -33.56 -1.06
C CYS G 63 26.64 -33.49 -2.35
N GLY G 64 27.33 -33.59 -3.49
CA GLY G 64 26.68 -33.50 -4.79
C GLY G 64 26.68 -32.09 -5.35
N GLY G 65 27.41 -31.21 -4.71
CA GLY G 65 27.57 -29.87 -5.20
C GLY G 65 28.24 -29.84 -6.56
N GLY G 66 27.80 -28.95 -7.43
CA GLY G 66 28.43 -28.75 -8.74
C GLY G 66 28.93 -27.34 -8.88
N LEU G 67 30.15 -27.20 -9.41
CA LEU G 67 30.74 -25.89 -9.63
C LEU G 67 31.16 -25.72 -11.09
N THR G 68 30.87 -24.56 -11.68
CA THR G 68 31.16 -24.29 -13.09
C THR G 68 31.76 -22.90 -13.32
N ASP G 69 32.05 -22.57 -14.58
CA ASP G 69 32.68 -21.30 -14.98
C ASP G 69 33.89 -20.93 -14.12
N TRP G 70 34.84 -21.86 -14.01
CA TRP G 70 36.06 -21.66 -13.19
C TRP G 70 36.96 -20.55 -13.74
N LYS G 71 37.61 -19.82 -12.84
CA LYS G 71 38.53 -18.73 -13.20
C LYS G 71 39.99 -19.08 -12.84
N PRO G 72 40.97 -18.50 -13.56
CA PRO G 72 42.37 -18.85 -13.35
C PRO G 72 42.87 -18.71 -11.91
N SER G 73 43.41 -19.80 -11.36
CA SER G 73 44.01 -19.84 -10.01
C SER G 73 43.03 -19.79 -8.83
N GLU G 74 41.76 -20.06 -9.12
CA GLU G 74 40.75 -20.05 -8.08
C GLU G 74 40.91 -21.30 -7.22
N ASP G 75 41.14 -21.08 -5.92
CA ASP G 75 41.29 -22.13 -4.91
C ASP G 75 40.03 -23.02 -4.84
N PRO G 76 40.15 -24.35 -5.13
CA PRO G 76 38.97 -25.22 -5.18
C PRO G 76 38.41 -25.52 -3.80
N TRP G 77 39.28 -25.45 -2.78
CA TRP G 77 38.86 -25.70 -1.42
C TRP G 77 37.95 -24.59 -0.94
N GLU G 78 38.36 -23.37 -1.22
CA GLU G 78 37.61 -22.18 -0.88
C GLU G 78 36.16 -22.25 -1.36
N GLN G 79 35.98 -22.56 -2.65
CA GLN G 79 34.65 -22.54 -3.30
C GLN G 79 33.72 -23.60 -2.69
N HIS G 80 34.32 -24.75 -2.37
CA HIS G 80 33.60 -25.87 -1.80
C HIS G 80 32.92 -25.44 -0.52
N ALA G 81 33.65 -24.67 0.28
CA ALA G 81 33.13 -24.08 1.50
C ALA G 81 32.11 -23.01 1.20
N LYS G 82 32.47 -22.10 0.28
CA LYS G 82 31.60 -20.99 -0.10
C LYS G 82 30.18 -21.43 -0.48
N TRP G 83 30.06 -22.34 -1.44
CA TRP G 83 28.75 -22.74 -2.01
C TRP G 83 28.06 -23.91 -1.31
N TYR G 84 28.81 -24.74 -0.59
CA TYR G 84 28.22 -25.88 0.11
C TYR G 84 28.74 -26.08 1.55
N PRO G 85 28.51 -25.08 2.43
CA PRO G 85 29.02 -25.10 3.80
C PRO G 85 28.55 -26.29 4.64
N GLY G 86 27.35 -26.78 4.36
CA GLY G 86 26.78 -27.91 5.09
C GLY G 86 27.37 -29.25 4.72
N CYS G 87 28.31 -29.24 3.79
CA CYS G 87 28.97 -30.45 3.30
C CYS G 87 29.77 -31.11 4.41
N LYS G 88 29.40 -32.36 4.69
CA LYS G 88 29.95 -33.10 5.82
C LYS G 88 31.39 -33.59 5.57
N TYR G 89 31.70 -33.95 4.33
CA TYR G 89 33.07 -34.33 3.97
C TYR G 89 34.03 -33.15 4.08
N LEU G 90 33.61 -32.02 3.51
CA LEU G 90 34.37 -30.77 3.63
C LEU G 90 34.77 -30.53 5.08
N LEU G 91 33.78 -30.63 5.97
CA LEU G 91 33.93 -30.43 7.40
C LEU G 91 35.01 -31.34 7.96
N GLU G 92 34.93 -32.61 7.58
CA GLU G 92 35.84 -33.62 8.07
C GLU G 92 37.28 -33.38 7.58
N GLN G 93 37.42 -32.62 6.49
CA GLN G 93 38.73 -32.38 5.88
C GLN G 93 39.37 -31.05 6.27
N LYS G 94 38.54 -30.11 6.72
CA LYS G 94 39.01 -28.75 6.98
C LYS G 94 38.60 -28.17 8.33
N GLY G 95 37.68 -28.82 9.04
CA GLY G 95 37.17 -28.31 10.30
C GLY G 95 36.18 -27.17 10.08
N GLN G 96 35.36 -26.88 11.10
CA GLN G 96 34.30 -25.87 10.97
C GLN G 96 34.85 -24.48 10.71
N GLU G 97 35.88 -24.14 11.47
CA GLU G 97 36.45 -22.80 11.44
C GLU G 97 36.77 -22.35 10.01
N TYR G 98 37.53 -23.19 9.29
CA TYR G 98 37.90 -22.91 7.90
C TYR G 98 36.72 -22.48 7.04
N ILE G 99 35.61 -23.22 7.14
CA ILE G 99 34.38 -22.94 6.40
C ILE G 99 33.87 -21.56 6.77
N ASN G 100 33.87 -21.26 8.06
CA ASN G 100 33.37 -19.98 8.58
C ASN G 100 34.22 -18.80 8.14
N ASN G 101 35.53 -19.00 8.05
CA ASN G 101 36.47 -17.97 7.58
C ASN G 101 36.09 -17.44 6.20
N ILE G 102 35.70 -18.36 5.31
CA ILE G 102 35.34 -18.05 3.93
C ILE G 102 34.08 -17.22 3.90
N HIS G 103 33.14 -17.55 4.78
CA HIS G 103 31.88 -16.85 4.86
C HIS G 103 32.01 -15.47 5.48
N LEU G 104 32.89 -15.34 6.47
CA LEU G 104 33.10 -14.03 7.06
C LEU G 104 33.86 -13.13 6.09
N THR G 105 34.72 -13.71 5.26
CA THR G 105 35.52 -12.93 4.30
C THR G 105 34.65 -12.40 3.15
N HIS G 106 33.64 -13.18 2.77
CA HIS G 106 32.75 -12.77 1.70
C HIS G 106 31.60 -11.89 2.22
N SER G 107 31.40 -11.91 3.54
CA SER G 107 30.50 -10.95 4.17
C SER G 107 31.17 -9.59 4.30
N LEU G 108 32.50 -9.56 4.28
CA LEU G 108 33.24 -8.29 4.24
C LEU G 108 33.04 -7.61 2.89
N GLU G 109 32.96 -8.42 1.85
CA GLU G 109 32.63 -7.92 0.51
C GLU G 109 31.29 -7.21 0.54
N GLU G 110 30.32 -7.82 1.23
CA GLU G 110 28.94 -7.34 1.28
C GLU G 110 28.82 -5.84 1.62
N CYS G 111 29.89 -5.23 2.11
CA CYS G 111 29.89 -3.78 2.43
C CYS G 111 30.96 -2.96 1.72
N LEU G 112 31.06 -3.10 0.41
CA LEU G 112 32.01 -2.36 -0.39
C LEU G 112 31.34 -1.70 -1.60
N ASP H 7 -11.56 46.78 8.20
CA ASP H 7 -10.16 46.83 7.68
C ASP H 7 -10.11 46.86 6.13
N ARG H 8 -9.24 46.02 5.54
CA ARG H 8 -8.96 46.01 4.08
C ARG H 8 -9.98 45.24 3.25
N ASN H 9 -9.92 45.45 1.94
CA ASN H 9 -10.92 44.91 1.02
C ASN H 9 -10.64 43.49 0.55
N PHE H 10 -9.36 43.13 0.41
CA PHE H 10 -9.04 41.77 0.01
C PHE H 10 -9.26 40.78 1.16
N PRO H 11 -10.01 39.69 0.89
CA PRO H 11 -10.40 38.68 1.89
C PRO H 11 -9.27 37.83 2.44
N ASN H 12 -9.63 36.89 3.29
CA ASN H 12 -8.69 35.96 3.88
C ASN H 12 -8.86 34.55 3.29
N SER H 13 -7.73 33.93 2.96
CA SER H 13 -7.70 32.52 2.57
C SER H 13 -6.73 31.76 3.44
N THR H 14 -6.49 32.29 4.64
CA THR H 14 -5.56 31.72 5.58
C THR H 14 -6.29 30.94 6.68
N ASN H 15 -5.52 30.20 7.47
CA ASN H 15 -6.07 29.35 8.51
C ASN H 15 -6.37 30.13 9.79
N LEU H 16 -5.68 31.25 9.99
CA LEU H 16 -5.81 32.07 11.20
C LEU H 16 -6.78 33.25 11.03
N PRO H 17 -7.73 33.43 12.00
CA PRO H 17 -8.82 34.41 11.92
C PRO H 17 -8.41 35.87 12.11
N ARG H 18 -9.05 36.74 11.31
CA ARG H 18 -8.83 38.19 11.35
C ARG H 18 -9.50 38.87 12.54
N ASN H 19 -10.27 38.11 13.32
CA ASN H 19 -10.83 38.60 14.59
C ASN H 19 -10.85 37.58 15.71
N PRO H 20 -9.71 37.39 16.38
CA PRO H 20 -9.67 36.43 17.48
C PRO H 20 -10.49 36.94 18.68
N SER H 21 -11.09 38.11 18.52
CA SER H 21 -12.06 38.64 19.50
C SER H 21 -13.48 38.19 19.13
N MET H 22 -13.58 37.54 17.97
CA MET H 22 -14.86 37.06 17.46
C MET H 22 -14.85 35.56 17.05
N ALA H 23 -13.86 34.81 17.53
CA ALA H 23 -13.82 33.35 17.32
C ALA H 23 -14.94 32.66 18.11
N ASP H 24 -15.15 33.14 19.35
CA ASP H 24 -16.18 32.64 20.26
C ASP H 24 -17.60 33.02 19.78
N TYR H 25 -18.48 32.01 19.72
CA TYR H 25 -19.87 32.15 19.24
C TYR H 25 -20.76 33.08 20.09
N GLU H 26 -20.63 32.98 21.41
CA GLU H 26 -21.40 33.81 22.35
C GLU H 26 -21.13 35.31 22.16
N ALA H 27 -19.92 35.61 21.68
CA ALA H 27 -19.51 36.97 21.34
C ALA H 27 -20.14 37.44 20.04
N ARG H 28 -20.75 36.52 19.29
CA ARG H 28 -21.35 36.86 18.01
C ARG H 28 -22.86 37.06 18.12
N ILE H 29 -23.56 36.15 18.77
CA ILE H 29 -25.02 36.36 18.99
C ILE H 29 -25.31 37.49 19.97
N PHE H 30 -24.25 38.05 20.56
CA PHE H 30 -24.35 39.21 21.43
C PHE H 30 -24.47 40.47 20.59
N THR H 31 -23.89 40.43 19.39
CA THR H 31 -24.01 41.54 18.43
C THR H 31 -25.43 41.67 17.85
N PHE H 32 -26.15 40.55 17.81
CA PHE H 32 -27.51 40.52 17.32
C PHE H 32 -28.53 40.69 18.47
N GLY H 33 -28.18 41.53 19.44
CA GLY H 33 -29.05 41.81 20.58
C GLY H 33 -30.31 42.56 20.16
N THR H 34 -30.16 43.41 19.15
CA THR H 34 -31.30 44.11 18.57
C THR H 34 -31.27 44.00 17.06
N TRP H 35 -31.18 42.75 16.57
CA TRP H 35 -31.32 42.46 15.16
C TRP H 35 -32.80 42.58 14.77
N ILE H 36 -33.09 43.46 13.80
CA ILE H 36 -34.47 43.68 13.39
C ILE H 36 -34.82 43.03 12.05
N TYR H 37 -33.79 42.77 11.25
CA TYR H 37 -33.97 42.26 9.89
C TYR H 37 -34.37 40.78 9.85
N SER H 38 -34.79 40.30 8.69
CA SER H 38 -35.45 38.99 8.58
C SER H 38 -34.59 37.82 8.12
N VAL H 39 -33.46 37.61 8.80
CA VAL H 39 -32.61 36.41 8.63
C VAL H 39 -32.21 35.90 10.00
N ASN H 40 -32.29 34.58 10.19
CA ASN H 40 -32.11 34.00 11.53
C ASN H 40 -30.81 34.45 12.22
N LYS H 41 -30.99 35.35 13.20
CA LYS H 41 -29.89 35.95 13.95
C LYS H 41 -28.91 34.88 14.41
N GLU H 42 -29.42 33.80 14.99
CA GLU H 42 -28.61 32.69 15.46
C GLU H 42 -27.86 32.00 14.32
N GLN H 43 -28.53 31.83 13.19
CA GLN H 43 -27.92 31.12 12.08
C GLN H 43 -26.74 31.87 11.44
N LEU H 44 -26.81 33.20 11.38
CA LEU H 44 -25.67 34.01 10.92
C LEU H 44 -24.46 33.90 11.85
N ALA H 45 -24.72 33.92 13.16
CA ALA H 45 -23.66 33.85 14.16
C ALA H 45 -22.98 32.48 14.20
N ARG H 46 -23.78 31.44 13.94
CA ARG H 46 -23.24 30.10 13.77
C ARG H 46 -22.44 30.00 12.46
N ALA H 47 -22.87 30.76 11.45
CA ALA H 47 -22.24 30.75 10.14
C ALA H 47 -20.90 31.46 10.12
N GLY H 48 -20.68 32.31 11.12
CA GLY H 48 -19.39 32.96 11.31
C GLY H 48 -19.46 34.46 11.50
N PHE H 49 -20.65 35.03 11.39
CA PHE H 49 -20.82 36.48 11.30
C PHE H 49 -21.01 37.24 12.62
N TYR H 50 -20.50 38.48 12.65
CA TYR H 50 -20.93 39.49 13.62
C TYR H 50 -21.53 40.71 12.93
N ALA H 51 -22.55 41.29 13.56
CA ALA H 51 -23.17 42.51 13.06
C ALA H 51 -22.25 43.72 13.28
N LEU H 52 -22.23 44.64 12.31
CA LEU H 52 -21.33 45.79 12.39
C LEU H 52 -21.88 46.90 13.26
N GLY H 53 -23.14 46.77 13.68
CA GLY H 53 -23.87 47.86 14.30
C GLY H 53 -24.62 48.59 13.21
N GLU H 54 -23.96 48.75 12.06
CA GLU H 54 -24.53 49.41 10.89
C GLU H 54 -25.57 48.53 10.21
N GLY H 55 -26.73 49.12 9.89
CA GLY H 55 -27.80 48.45 9.14
C GLY H 55 -27.87 46.93 9.27
N ASP H 56 -27.89 46.23 8.13
CA ASP H 56 -27.82 44.78 8.11
C ASP H 56 -26.46 44.32 7.62
N LYS H 57 -25.47 45.17 7.83
CA LYS H 57 -24.09 44.87 7.46
C LYS H 57 -23.51 43.95 8.51
N VAL H 58 -22.95 42.84 8.04
CA VAL H 58 -22.30 41.86 8.88
C VAL H 58 -20.96 41.46 8.30
N LYS H 59 -20.00 41.19 9.18
CA LYS H 59 -18.67 40.75 8.76
C LYS H 59 -18.36 39.40 9.41
N CYS H 60 -17.77 38.51 8.62
CA CYS H 60 -17.32 37.23 9.16
C CYS H 60 -16.02 37.45 9.92
N PHE H 61 -15.88 36.77 11.06
CA PHE H 61 -14.75 36.98 11.96
C PHE H 61 -13.45 36.47 11.38
N HIS H 62 -13.56 35.44 10.55
CA HIS H 62 -12.37 34.75 10.05
C HIS H 62 -11.82 35.40 8.80
N CYS H 63 -12.54 35.28 7.69
CA CYS H 63 -12.06 35.83 6.43
C CYS H 63 -12.22 37.34 6.36
N GLY H 64 -13.07 37.90 7.21
CA GLY H 64 -13.33 39.34 7.24
C GLY H 64 -14.20 39.81 6.09
N GLY H 65 -14.87 38.85 5.45
CA GLY H 65 -15.79 39.19 4.39
C GLY H 65 -16.96 39.93 4.99
N GLY H 66 -17.42 40.98 4.33
CA GLY H 66 -18.61 41.71 4.76
C GLY H 66 -19.82 41.40 3.90
N LEU H 67 -21.01 41.66 4.43
CA LEU H 67 -22.26 41.44 3.70
C LEU H 67 -23.37 42.40 4.10
N THR H 68 -24.04 42.98 3.11
CA THR H 68 -25.11 43.94 3.32
C THR H 68 -26.37 43.46 2.64
N ASP H 69 -27.44 44.22 2.82
CA ASP H 69 -28.65 44.12 1.99
C ASP H 69 -29.17 42.70 1.78
N TRP H 70 -29.44 42.01 2.89
CA TRP H 70 -30.03 40.68 2.84
C TRP H 70 -31.51 40.75 2.49
N LYS H 71 -32.03 39.69 1.89
CA LYS H 71 -33.48 39.57 1.68
C LYS H 71 -34.10 38.70 2.81
N PRO H 72 -35.44 38.65 2.90
CA PRO H 72 -36.07 37.74 3.88
C PRO H 72 -35.69 36.26 3.65
N SER H 73 -35.90 35.78 2.43
CA SER H 73 -35.63 34.39 2.03
C SER H 73 -34.12 34.04 2.02
N GLU H 74 -33.31 34.83 2.71
CA GLU H 74 -31.85 34.69 2.63
C GLU H 74 -31.25 33.72 3.67
N ASP H 75 -30.23 32.97 3.23
CA ASP H 75 -29.61 31.91 4.03
C ASP H 75 -28.12 32.16 4.25
N PRO H 76 -27.71 32.44 5.50
CA PRO H 76 -26.39 32.99 5.78
C PRO H 76 -25.26 32.13 5.25
N TRP H 77 -25.43 30.81 5.30
CA TRP H 77 -24.38 29.90 4.83
C TRP H 77 -24.24 29.95 3.31
N GLU H 78 -25.36 29.97 2.61
CA GLU H 78 -25.37 30.06 1.14
C GLU H 78 -24.59 31.27 0.66
N GLN H 79 -24.81 32.40 1.33
CA GLN H 79 -24.13 33.66 1.00
C GLN H 79 -22.63 33.61 1.32
N HIS H 80 -22.30 33.17 2.53
CA HIS H 80 -20.90 33.12 2.97
C HIS H 80 -20.08 32.36 1.94
N ALA H 81 -20.63 31.26 1.45
CA ALA H 81 -20.02 30.46 0.39
C ALA H 81 -19.94 31.23 -0.94
N LYS H 82 -21.09 31.73 -1.40
CA LYS H 82 -21.19 32.43 -2.66
C LYS H 82 -20.14 33.54 -2.82
N TRP H 83 -19.95 34.36 -1.78
CA TRP H 83 -19.12 35.57 -1.90
C TRP H 83 -17.68 35.42 -1.44
N TYR H 84 -17.44 34.62 -0.40
CA TYR H 84 -16.08 34.41 0.12
C TYR H 84 -15.72 32.93 0.22
N PRO H 85 -15.59 32.25 -0.94
CA PRO H 85 -15.38 30.79 -0.98
C PRO H 85 -14.02 30.36 -0.41
N GLY H 86 -13.08 31.29 -0.41
CA GLY H 86 -11.72 31.03 0.08
C GLY H 86 -11.67 30.96 1.59
N CYS H 87 -12.69 31.51 2.24
CA CYS H 87 -12.83 31.48 3.70
C CYS H 87 -12.59 30.07 4.22
N LYS H 88 -11.62 29.95 5.11
CA LYS H 88 -11.23 28.62 5.55
C LYS H 88 -12.07 28.16 6.73
N TYR H 89 -12.67 29.12 7.45
CA TYR H 89 -13.63 28.79 8.51
C TYR H 89 -14.87 28.14 7.90
N LEU H 90 -15.22 28.60 6.71
CA LEU H 90 -16.30 27.99 5.98
C LEU H 90 -15.97 26.53 5.76
N LEU H 91 -14.78 26.26 5.22
CA LEU H 91 -14.31 24.89 5.00
C LEU H 91 -14.35 24.06 6.27
N GLU H 92 -13.93 24.68 7.38
CA GLU H 92 -13.82 24.04 8.70
C GLU H 92 -15.18 23.57 9.23
N GLN H 93 -16.27 24.17 8.72
CA GLN H 93 -17.61 23.83 9.18
C GLN H 93 -18.41 23.06 8.14
N LYS H 94 -18.26 23.43 6.86
CA LYS H 94 -19.12 22.93 5.78
C LYS H 94 -18.45 22.03 4.73
N GLY H 95 -17.11 22.03 4.72
CA GLY H 95 -16.36 21.20 3.79
C GLY H 95 -16.30 21.81 2.39
N GLN H 96 -15.34 21.34 1.58
CA GLN H 96 -15.13 21.86 0.24
C GLN H 96 -16.35 21.71 -0.67
N GLU H 97 -16.80 20.46 -0.80
CA GLU H 97 -17.93 20.09 -1.66
C GLU H 97 -19.12 21.06 -1.59
N TYR H 98 -19.47 21.47 -0.36
CA TYR H 98 -20.58 22.38 -0.12
C TYR H 98 -20.44 23.68 -0.92
N ILE H 99 -19.30 24.36 -0.75
CA ILE H 99 -19.03 25.65 -1.38
C ILE H 99 -19.14 25.51 -2.88
N ASN H 100 -18.50 24.46 -3.39
CA ASN H 100 -18.51 24.13 -4.81
C ASN H 100 -19.90 24.01 -5.42
N ASN H 101 -20.81 23.35 -4.70
CA ASN H 101 -22.22 23.24 -5.07
C ASN H 101 -22.92 24.56 -5.38
N ILE H 102 -22.68 25.55 -4.52
CA ILE H 102 -23.25 26.89 -4.66
C ILE H 102 -22.83 27.57 -5.98
N HIS H 103 -21.58 27.39 -6.37
CA HIS H 103 -20.99 28.11 -7.50
C HIS H 103 -21.33 27.50 -8.85
N LEU H 104 -21.66 26.22 -8.83
CA LEU H 104 -22.06 25.49 -10.03
C LEU H 104 -23.55 25.68 -10.32
N THR H 105 -24.34 25.94 -9.28
CA THR H 105 -25.75 26.31 -9.47
C THR H 105 -25.88 27.74 -10.00
N HIS H 106 -24.98 28.62 -9.56
CA HIS H 106 -24.94 29.99 -10.09
C HIS H 106 -24.20 30.01 -11.43
N SER H 107 -23.51 28.91 -11.72
CA SER H 107 -22.84 28.71 -12.99
C SER H 107 -23.83 28.24 -14.06
N LEU H 108 -24.91 27.58 -13.62
CA LEU H 108 -25.96 27.13 -14.53
C LEU H 108 -26.93 28.26 -14.83
N GLU H 109 -27.22 29.07 -13.80
CA GLU H 109 -27.98 30.31 -13.96
C GLU H 109 -27.35 31.21 -15.03
N GLU H 110 -26.02 31.24 -15.08
CA GLU H 110 -25.28 31.97 -16.11
C GLU H 110 -25.34 31.27 -17.48
N CYS H 111 -25.89 30.06 -17.51
CA CYS H 111 -26.03 29.34 -18.77
C CYS H 111 -27.45 29.40 -19.30
N LEU H 112 -28.29 30.24 -18.68
CA LEU H 112 -29.67 30.44 -19.14
C LEU H 112 -29.75 31.10 -20.53
N VAL H 113 -28.63 31.68 -20.98
CA VAL H 113 -28.55 32.33 -22.29
C VAL H 113 -28.04 31.35 -23.37
N SER I 6 10.14 21.34 13.78
CA SER I 6 10.39 20.10 12.99
C SER I 6 11.88 19.93 12.73
N ASP I 7 12.29 18.74 12.28
CA ASP I 7 13.67 18.52 11.83
C ASP I 7 13.78 17.73 10.53
N ARG I 8 12.86 18.02 9.62
CA ARG I 8 12.78 17.42 8.29
C ARG I 8 13.85 17.98 7.37
N ASN I 9 13.96 17.43 6.16
CA ASN I 9 15.07 17.79 5.27
C ASN I 9 14.84 19.03 4.42
N PHE I 10 13.60 19.23 3.98
CA PHE I 10 13.33 20.41 3.19
C PHE I 10 13.44 21.65 4.06
N PRO I 11 14.26 22.64 3.64
CA PRO I 11 14.59 23.84 4.41
C PRO I 11 13.46 24.83 4.66
N ASN I 12 13.77 25.88 5.41
CA ASN I 12 12.81 26.89 5.81
C ASN I 12 13.12 28.21 5.14
N SER I 13 12.27 28.58 4.19
CA SER I 13 12.43 29.83 3.45
C SER I 13 11.50 30.90 3.99
N THR I 14 11.19 30.81 5.28
CA THR I 14 10.34 31.80 5.94
C THR I 14 11.12 32.60 6.97
N ASN I 15 10.39 33.11 7.96
CA ASN I 15 10.96 33.99 8.96
C ASN I 15 10.92 33.43 10.38
N LEU I 16 10.14 32.37 10.62
CA LEU I 16 10.33 31.61 11.86
C LEU I 16 11.65 30.84 11.76
N PRO I 17 12.58 31.08 12.70
CA PRO I 17 13.81 30.30 12.67
C PRO I 17 13.54 28.88 13.18
N ARG I 18 13.87 27.89 12.36
CA ARG I 18 13.76 26.46 12.72
C ARG I 18 14.07 26.19 14.19
N ASN I 19 15.22 26.68 14.63
CA ASN I 19 15.66 26.46 16.00
C ASN I 19 15.98 27.77 16.73
N PRO I 20 14.96 28.42 17.32
CA PRO I 20 15.18 29.71 17.99
C PRO I 20 16.00 29.56 19.28
N SER I 21 16.29 28.31 19.63
CA SER I 21 17.14 27.98 20.78
C SER I 21 18.60 28.38 20.55
N MET I 22 18.89 28.93 19.37
CA MET I 22 20.26 29.23 18.93
C MET I 22 20.36 30.52 18.15
N ALA I 23 19.36 31.39 18.29
CA ALA I 23 19.33 32.63 17.50
C ALA I 23 20.45 33.61 17.86
N ASP I 24 20.85 33.62 19.13
CA ASP I 24 21.92 34.51 19.59
C ASP I 24 23.29 34.05 19.12
N TYR I 25 24.04 34.97 18.52
CA TYR I 25 25.41 34.73 18.07
C TYR I 25 26.25 34.09 19.17
N GLU I 26 26.17 34.63 20.38
CA GLU I 26 26.95 34.16 21.52
C GLU I 26 26.64 32.70 21.83
N ALA I 27 25.35 32.36 21.78
CA ALA I 27 24.89 31.00 21.98
C ALA I 27 25.57 30.02 21.00
N ARG I 28 25.93 30.55 19.83
CA ARG I 28 26.45 29.73 18.74
C ARG I 28 27.97 29.48 18.80
N ILE I 29 28.77 30.52 19.03
CA ILE I 29 30.23 30.32 19.18
C ILE I 29 30.56 29.43 20.37
N PHE I 30 29.55 29.14 21.18
CA PHE I 30 29.67 28.25 22.33
C PHE I 30 29.82 26.79 21.89
N THR I 31 29.05 26.37 20.88
CA THR I 31 29.15 25.00 20.34
C THR I 31 30.46 24.77 19.59
N PHE I 32 31.10 25.86 19.16
CA PHE I 32 32.43 25.84 18.52
C PHE I 32 33.59 25.94 19.53
N GLY I 33 33.43 25.30 20.70
CA GLY I 33 34.42 25.39 21.78
C GLY I 33 35.67 24.56 21.53
N THR I 34 35.49 23.39 20.92
CA THR I 34 36.60 22.49 20.59
C THR I 34 36.62 22.23 19.09
N TRP I 35 36.67 23.32 18.33
CA TRP I 35 36.66 23.29 16.85
C TRP I 35 38.08 23.10 16.32
N ILE I 36 38.26 22.15 15.40
CA ILE I 36 39.61 21.84 14.90
C ILE I 36 39.78 21.88 13.37
N TYR I 37 38.73 22.31 12.69
CA TYR I 37 38.70 22.34 11.23
C TYR I 37 38.99 23.75 10.72
N SER I 38 39.66 23.84 9.56
CA SER I 38 40.22 25.10 9.07
C SER I 38 39.19 26.07 8.49
N VAL I 39 38.07 26.23 9.18
CA VAL I 39 37.08 27.26 8.85
C VAL I 39 36.86 28.10 10.11
N ASN I 40 36.79 29.42 9.95
CA ASN I 40 36.65 30.29 11.13
C ASN I 40 35.29 30.24 11.81
N LYS I 41 35.37 30.17 13.14
CA LYS I 41 34.20 29.94 13.99
C LYS I 41 33.32 31.19 14.15
N GLU I 42 33.96 32.36 14.20
CA GLU I 42 33.24 33.64 14.13
C GLU I 42 32.49 33.71 12.80
N GLN I 43 33.24 33.52 11.71
CA GLN I 43 32.69 33.53 10.37
C GLN I 43 31.57 32.51 10.19
N LEU I 44 31.68 31.37 10.86
CA LEU I 44 30.64 30.34 10.79
C LEU I 44 29.38 30.76 11.53
N ALA I 45 29.55 31.12 12.80
CA ALA I 45 28.43 31.48 13.67
C ALA I 45 27.82 32.83 13.29
N ARG I 46 28.67 33.76 12.82
CA ARG I 46 28.19 35.06 12.34
C ARG I 46 27.35 34.92 11.06
N ALA I 47 27.49 33.78 10.38
CA ALA I 47 26.76 33.47 9.17
C ALA I 47 25.65 32.44 9.42
N GLY I 48 25.27 32.26 10.69
CA GLY I 48 24.07 31.49 11.05
C GLY I 48 24.27 30.16 11.76
N PHE I 49 25.44 29.55 11.57
CA PHE I 49 25.67 28.17 11.99
C PHE I 49 26.00 27.98 13.47
N TYR I 50 25.44 26.92 14.06
CA TYR I 50 25.98 26.34 15.28
C TYR I 50 26.64 25.01 14.94
N ALA I 51 27.39 24.45 15.89
CA ALA I 51 28.07 23.17 15.68
C ALA I 51 27.23 21.98 16.14
N LEU I 52 27.02 21.02 15.25
CA LEU I 52 26.21 19.81 15.49
C LEU I 52 26.90 18.67 16.27
N GLY I 53 27.98 18.96 16.98
CA GLY I 53 28.62 17.97 17.83
C GLY I 53 29.52 16.96 17.12
N GLU I 54 29.00 16.30 16.07
CA GLU I 54 29.73 15.20 15.39
C GLU I 54 30.27 15.48 13.98
N GLY I 55 31.58 15.70 13.91
CA GLY I 55 32.26 16.04 12.67
C GLY I 55 32.32 17.55 12.50
N ASP I 56 32.75 17.99 11.32
CA ASP I 56 32.67 19.41 10.97
C ASP I 56 31.24 19.77 10.60
N LYS I 57 30.29 19.11 11.25
CA LYS I 57 28.89 19.28 10.93
C LYS I 57 28.33 20.51 11.61
N VAL I 58 27.81 21.40 10.78
CA VAL I 58 27.21 22.65 11.23
C VAL I 58 25.79 22.71 10.71
N LYS I 59 25.01 23.60 11.31
CA LYS I 59 23.61 23.73 10.98
C LYS I 59 23.25 25.16 11.33
N CYS I 60 22.58 25.84 10.40
CA CYS I 60 22.05 27.18 10.64
C CYS I 60 20.89 27.10 11.64
N PHE I 61 20.79 28.12 12.49
CA PHE I 61 19.72 28.21 13.46
C PHE I 61 18.39 28.53 12.78
N HIS I 62 18.46 29.09 11.58
CA HIS I 62 17.27 29.65 10.93
C HIS I 62 16.65 28.75 9.87
N CYS I 63 17.36 28.50 8.79
CA CYS I 63 16.81 27.68 7.73
C CYS I 63 16.96 26.19 8.03
N GLY I 64 17.65 25.89 9.15
CA GLY I 64 17.91 24.52 9.61
C GLY I 64 18.72 23.68 8.64
N GLY I 65 19.43 24.36 7.75
CA GLY I 65 20.23 23.69 6.74
C GLY I 65 21.58 23.33 7.32
N GLY I 66 21.98 22.08 7.12
CA GLY I 66 23.25 21.61 7.67
C GLY I 66 24.33 21.46 6.62
N LEU I 67 25.58 21.71 7.02
CA LEU I 67 26.72 21.56 6.12
C LEU I 67 27.78 20.62 6.68
N THR I 68 28.46 19.90 5.79
CA THR I 68 29.51 18.95 6.16
C THR I 68 30.67 18.99 5.17
N ASP I 69 31.69 18.19 5.44
CA ASP I 69 32.79 17.96 4.49
C ASP I 69 33.60 19.20 4.14
N TRP I 70 33.68 20.17 5.04
CA TRP I 70 34.43 21.41 4.79
C TRP I 70 35.88 21.17 4.32
N LYS I 71 36.26 21.89 3.27
CA LYS I 71 37.63 21.93 2.76
C LYS I 71 38.35 23.12 3.40
N PRO I 72 39.69 23.21 3.23
CA PRO I 72 40.41 24.32 3.81
C PRO I 72 40.02 25.67 3.22
N SER I 73 39.86 26.66 4.09
CA SER I 73 39.56 28.06 3.72
C SER I 73 38.32 28.22 2.81
N GLU I 74 37.24 27.56 3.20
CA GLU I 74 35.97 27.74 2.51
C GLU I 74 35.14 28.80 3.23
N ASP I 75 34.59 29.74 2.46
CA ASP I 75 33.86 30.88 2.99
C ASP I 75 32.47 30.45 3.50
N PRO I 76 32.23 30.54 4.82
CA PRO I 76 30.95 30.09 5.42
C PRO I 76 29.72 30.76 4.81
N TRP I 77 29.87 32.04 4.46
CA TRP I 77 28.81 32.82 3.81
C TRP I 77 28.55 32.34 2.38
N GLU I 78 29.63 31.94 1.71
CA GLU I 78 29.55 31.49 0.33
C GLU I 78 28.83 30.13 0.24
N GLN I 79 29.00 29.30 1.27
CA GLN I 79 28.35 27.99 1.28
C GLN I 79 26.89 28.09 1.70
N HIS I 80 26.58 28.99 2.62
CA HIS I 80 25.21 29.24 3.04
C HIS I 80 24.34 29.59 1.84
N ALA I 81 24.81 30.55 1.05
CA ALA I 81 24.12 31.03 -0.16
C ALA I 81 24.14 29.99 -1.27
N LYS I 82 25.18 29.17 -1.26
CA LYS I 82 25.32 28.05 -2.20
C LYS I 82 24.12 27.13 -2.06
N TRP I 83 24.18 26.26 -1.05
CA TRP I 83 23.20 25.19 -0.87
C TRP I 83 21.79 25.64 -0.40
N TYR I 84 21.72 26.69 0.41
CA TYR I 84 20.45 27.12 0.98
C TYR I 84 20.05 28.59 0.72
N PRO I 85 19.77 28.93 -0.54
CA PRO I 85 19.61 30.33 -1.00
C PRO I 85 18.34 31.02 -0.52
N GLY I 86 17.26 30.26 -0.35
CA GLY I 86 16.01 30.83 0.14
C GLY I 86 15.98 31.21 1.61
N CYS I 87 17.12 31.04 2.29
CA CYS I 87 17.28 31.31 3.72
C CYS I 87 17.12 32.80 4.01
N LYS I 88 16.15 33.12 4.85
CA LYS I 88 15.79 34.50 5.12
C LYS I 88 16.67 35.15 6.22
N TYR I 89 17.58 34.40 6.82
CA TYR I 89 18.61 34.99 7.67
C TYR I 89 19.68 35.56 6.75
N LEU I 90 20.14 34.71 5.84
CA LEU I 90 21.21 35.02 4.89
C LEU I 90 20.88 36.23 4.03
N LEU I 91 19.63 36.32 3.62
CA LEU I 91 19.13 37.42 2.80
C LEU I 91 19.20 38.76 3.54
N GLU I 92 18.76 38.77 4.79
CA GLU I 92 18.79 39.96 5.62
C GLU I 92 20.22 40.36 6.05
N GLN I 93 21.15 39.40 6.02
CA GLN I 93 22.55 39.64 6.39
C GLN I 93 23.39 40.09 5.21
N LYS I 94 23.30 39.36 4.10
CA LYS I 94 24.16 39.59 2.94
C LYS I 94 23.45 40.23 1.77
N GLY I 95 22.12 40.13 1.70
CA GLY I 95 21.35 40.76 0.61
C GLY I 95 21.14 39.87 -0.60
N GLN I 96 20.02 40.04 -1.29
CA GLN I 96 19.65 39.16 -2.41
C GLN I 96 20.64 39.13 -3.55
N GLU I 97 21.24 40.29 -3.85
CA GLU I 97 22.19 40.44 -4.95
C GLU I 97 23.35 39.47 -4.76
N TYR I 98 23.91 39.48 -3.55
CA TYR I 98 25.01 38.58 -3.19
C TYR I 98 24.66 37.14 -3.47
N ILE I 99 23.51 36.71 -2.94
CA ILE I 99 23.02 35.34 -3.12
C ILE I 99 22.94 35.00 -4.60
N ASN I 100 22.53 35.98 -5.41
CA ASN I 100 22.46 35.80 -6.87
C ASN I 100 23.81 35.59 -7.52
N ASN I 101 24.77 36.45 -7.16
CA ASN I 101 26.11 36.37 -7.70
C ASN I 101 26.79 35.04 -7.40
N ILE I 102 26.65 34.56 -6.16
CA ILE I 102 27.27 33.30 -5.75
C ILE I 102 26.71 32.10 -6.51
N HIS I 103 25.46 32.22 -6.95
CA HIS I 103 24.88 31.22 -7.81
C HIS I 103 25.30 31.38 -9.26
N LEU I 104 25.26 32.61 -9.76
CA LEU I 104 25.70 32.95 -11.11
C LEU I 104 27.12 32.50 -11.43
N THR I 105 28.01 32.64 -10.46
CA THR I 105 29.40 32.23 -10.62
C THR I 105 29.48 30.73 -10.82
N HIS I 106 28.84 29.97 -9.92
CA HIS I 106 28.76 28.50 -9.99
C HIS I 106 28.10 28.04 -11.29
N SER I 107 27.16 28.83 -11.79
CA SER I 107 26.57 28.61 -13.09
C SER I 107 27.54 28.88 -14.22
N LEU I 108 28.35 29.92 -14.07
CA LEU I 108 29.20 30.36 -15.18
C LEU I 108 30.12 29.25 -15.63
N GLU I 109 30.56 28.46 -14.66
CA GLU I 109 31.45 27.32 -14.86
C GLU I 109 30.87 26.23 -15.71
N GLU I 110 29.57 25.99 -15.57
CA GLU I 110 28.94 24.87 -16.25
C GLU I 110 29.21 24.85 -17.76
N CYS I 111 29.38 26.03 -18.36
CA CYS I 111 29.84 26.15 -19.75
C CYS I 111 31.23 26.76 -19.85
N LEU I 112 32.26 25.93 -19.91
CA LEU I 112 32.15 24.47 -19.84
C LEU I 112 33.05 23.89 -18.76
N ASP J 7 -21.04 8.78 -21.57
CA ASP J 7 -21.16 10.23 -21.26
C ASP J 7 -22.30 10.90 -22.04
N ARG J 8 -22.81 10.20 -23.06
CA ARG J 8 -23.95 10.67 -23.85
C ARG J 8 -25.18 9.75 -23.69
N ASN J 9 -24.96 8.58 -23.10
CA ASN J 9 -26.06 7.72 -22.66
C ASN J 9 -26.59 8.27 -21.34
N PHE J 10 -25.76 9.06 -20.68
CA PHE J 10 -26.12 9.79 -19.47
C PHE J 10 -27.18 10.84 -19.77
N PRO J 11 -28.40 10.68 -19.20
CA PRO J 11 -29.55 11.46 -19.64
C PRO J 11 -29.51 12.94 -19.23
N ASN J 12 -30.47 13.72 -19.74
CA ASN J 12 -30.52 15.17 -19.49
C ASN J 12 -31.19 15.58 -18.17
N SER J 13 -30.53 16.47 -17.44
CA SER J 13 -31.10 17.00 -16.19
C SER J 13 -31.29 18.53 -16.23
N THR J 14 -31.38 19.07 -17.44
CA THR J 14 -31.48 20.52 -17.66
C THR J 14 -32.83 20.92 -18.22
N ASN J 15 -33.14 22.21 -18.14
CA ASN J 15 -34.33 22.75 -18.78
C ASN J 15 -34.35 22.60 -20.30
N LEU J 16 -33.17 22.49 -20.92
CA LEU J 16 -33.07 22.50 -22.37
C LEU J 16 -33.23 21.11 -23.02
N PRO J 17 -34.29 20.95 -23.85
CA PRO J 17 -34.62 19.67 -24.50
C PRO J 17 -33.49 19.14 -25.36
N ARG J 18 -33.21 17.84 -25.25
CA ARG J 18 -32.14 17.22 -26.04
C ARG J 18 -32.51 16.95 -27.52
N ASN J 19 -33.76 17.24 -27.92
CA ASN J 19 -34.14 17.13 -29.33
C ASN J 19 -35.39 17.95 -29.69
N PRO J 20 -35.19 19.21 -30.11
CA PRO J 20 -36.29 20.17 -30.29
C PRO J 20 -37.20 19.81 -31.46
N SER J 21 -36.74 18.90 -32.32
CA SER J 21 -37.45 18.48 -33.53
C SER J 21 -38.65 17.64 -33.17
N MET J 22 -38.44 16.70 -32.24
CA MET J 22 -39.50 15.84 -31.71
C MET J 22 -40.13 16.45 -30.44
N ALA J 23 -40.07 17.78 -30.33
CA ALA J 23 -40.66 18.48 -29.20
C ALA J 23 -42.18 18.58 -29.29
N ASP J 24 -42.68 18.80 -30.49
CA ASP J 24 -44.11 18.86 -30.70
C ASP J 24 -44.71 17.46 -30.60
N TYR J 25 -45.82 17.31 -29.87
CA TYR J 25 -46.56 16.04 -29.80
C TYR J 25 -46.77 15.46 -31.21
N GLU J 26 -47.19 16.32 -32.14
CA GLU J 26 -47.47 15.94 -33.53
C GLU J 26 -46.30 15.29 -34.24
N ALA J 27 -45.08 15.62 -33.81
CA ALA J 27 -43.89 15.07 -34.44
C ALA J 27 -43.63 13.65 -33.96
N ARG J 28 -44.13 13.32 -32.78
CA ARG J 28 -43.78 12.05 -32.12
C ARG J 28 -44.66 10.87 -32.54
N ILE J 29 -45.94 11.13 -32.75
CA ILE J 29 -46.85 10.10 -33.26
C ILE J 29 -46.80 9.98 -34.80
N PHE J 30 -46.24 11.00 -35.46
CA PHE J 30 -45.89 10.99 -36.90
C PHE J 30 -44.95 9.81 -37.20
N THR J 31 -44.36 9.24 -36.14
CA THR J 31 -43.48 8.07 -36.20
C THR J 31 -44.13 6.84 -35.55
N PHE J 32 -45.29 7.05 -34.93
CA PHE J 32 -46.01 5.96 -34.26
C PHE J 32 -47.12 5.29 -35.10
N GLY J 33 -47.39 5.82 -36.29
CA GLY J 33 -48.36 5.19 -37.17
C GLY J 33 -48.17 3.69 -37.24
N THR J 34 -46.93 3.29 -37.53
CA THR J 34 -46.58 1.89 -37.77
C THR J 34 -46.59 1.01 -36.52
N TRP J 35 -46.59 1.66 -35.34
CA TRP J 35 -46.46 0.99 -34.03
C TRP J 35 -47.30 -0.28 -33.90
N ILE J 36 -46.63 -1.42 -34.01
CA ILE J 36 -47.26 -2.75 -33.96
C ILE J 36 -47.32 -3.31 -32.53
N TYR J 37 -46.56 -2.68 -31.63
CA TYR J 37 -46.33 -3.21 -30.29
C TYR J 37 -47.51 -3.03 -29.32
N SER J 38 -47.26 -3.21 -28.03
CA SER J 38 -48.36 -3.44 -27.07
C SER J 38 -48.68 -2.32 -26.07
N VAL J 39 -48.01 -1.19 -26.20
CA VAL J 39 -48.32 -0.02 -25.36
C VAL J 39 -48.97 1.10 -26.16
N ASN J 40 -49.77 1.94 -25.50
CA ASN J 40 -50.51 2.99 -26.20
C ASN J 40 -49.63 4.07 -26.81
N LYS J 41 -49.56 4.06 -28.14
CA LYS J 41 -48.86 5.09 -28.91
C LYS J 41 -49.35 6.49 -28.54
N GLU J 42 -50.66 6.62 -28.37
CA GLU J 42 -51.29 7.89 -27.98
C GLU J 42 -51.07 8.22 -26.50
N GLN J 43 -50.50 7.27 -25.75
CA GLN J 43 -50.17 7.51 -24.34
C GLN J 43 -48.64 7.60 -24.15
N LEU J 44 -47.90 7.24 -25.20
CA LEU J 44 -46.43 7.34 -25.23
C LEU J 44 -45.95 8.77 -25.56
N ALA J 45 -46.38 9.28 -26.71
CA ALA J 45 -46.00 10.61 -27.17
C ALA J 45 -46.49 11.72 -26.22
N ARG J 46 -47.39 11.34 -25.31
CA ARG J 46 -47.83 12.24 -24.25
C ARG J 46 -46.74 12.40 -23.20
N ALA J 47 -45.99 11.32 -22.94
CA ALA J 47 -44.84 11.39 -22.03
C ALA J 47 -43.56 11.84 -22.74
N GLY J 48 -43.67 12.12 -24.05
CA GLY J 48 -42.59 12.70 -24.82
C GLY J 48 -41.73 11.68 -25.54
N PHE J 49 -42.30 10.50 -25.79
CA PHE J 49 -41.60 9.40 -26.46
C PHE J 49 -41.85 9.32 -27.96
N TYR J 50 -40.83 8.88 -28.70
CA TYR J 50 -40.97 8.60 -30.13
C TYR J 50 -40.21 7.31 -30.48
N ALA J 51 -40.74 6.56 -31.44
CA ALA J 51 -40.11 5.30 -31.86
C ALA J 51 -38.84 5.58 -32.66
N LEU J 52 -37.72 5.02 -32.21
CA LEU J 52 -36.42 5.21 -32.87
C LEU J 52 -36.26 4.36 -34.14
N GLY J 53 -37.22 3.47 -34.41
CA GLY J 53 -37.17 2.64 -35.62
C GLY J 53 -36.60 1.25 -35.39
N GLU J 54 -35.69 1.13 -34.42
CA GLU J 54 -35.19 -0.17 -33.97
C GLU J 54 -36.21 -0.74 -32.99
N GLY J 55 -36.74 -1.93 -33.29
CA GLY J 55 -37.69 -2.62 -32.41
C GLY J 55 -38.75 -1.70 -31.85
N ASP J 56 -39.06 -1.85 -30.57
CA ASP J 56 -39.91 -0.89 -29.86
C ASP J 56 -39.07 0.01 -28.94
N LYS J 57 -37.87 0.34 -29.43
CA LYS J 57 -36.98 1.25 -28.74
C LYS J 57 -37.44 2.69 -28.95
N VAL J 58 -37.88 3.30 -27.85
CA VAL J 58 -38.35 4.68 -27.81
C VAL J 58 -37.39 5.58 -27.04
N LYS J 59 -37.26 6.82 -27.50
CA LYS J 59 -36.50 7.86 -26.77
C LYS J 59 -37.41 9.00 -26.34
N CYS J 60 -37.09 9.56 -25.18
CA CYS J 60 -37.71 10.79 -24.74
C CYS J 60 -37.04 11.90 -25.52
N PHE J 61 -37.82 12.94 -25.84
CA PHE J 61 -37.28 14.03 -26.59
C PHE J 61 -36.52 15.01 -25.69
N HIS J 62 -36.90 15.05 -24.41
CA HIS J 62 -36.34 16.03 -23.46
C HIS J 62 -35.11 15.54 -22.67
N CYS J 63 -35.29 14.52 -21.84
CA CYS J 63 -34.15 13.93 -21.11
C CYS J 63 -33.26 13.13 -22.04
N GLY J 64 -33.90 12.43 -22.99
CA GLY J 64 -33.17 11.71 -24.03
C GLY J 64 -32.98 10.23 -23.74
N GLY J 65 -33.47 9.79 -22.59
CA GLY J 65 -33.39 8.40 -22.20
C GLY J 65 -34.43 7.54 -22.87
N GLY J 66 -34.15 6.24 -23.00
CA GLY J 66 -35.06 5.33 -23.69
C GLY J 66 -35.38 4.04 -22.97
N LEU J 67 -36.48 3.41 -23.35
CA LEU J 67 -36.89 2.12 -22.79
C LEU J 67 -37.17 1.09 -23.89
N THR J 68 -37.23 -0.19 -23.54
CA THR J 68 -37.31 -1.25 -24.57
C THR J 68 -38.31 -2.38 -24.32
N ASP J 69 -38.16 -3.10 -23.20
CA ASP J 69 -38.92 -4.34 -22.97
C ASP J 69 -40.36 -4.08 -22.52
N TRP J 70 -41.19 -3.59 -23.43
CA TRP J 70 -42.56 -3.23 -23.08
C TRP J 70 -43.50 -4.44 -22.89
N LYS J 71 -43.56 -4.94 -21.66
CA LYS J 71 -44.57 -5.91 -21.24
C LYS J 71 -45.95 -5.33 -21.60
N PRO J 72 -46.80 -6.14 -22.27
CA PRO J 72 -47.98 -5.72 -23.05
C PRO J 72 -49.03 -4.81 -22.41
N SER J 73 -48.75 -4.23 -21.24
CA SER J 73 -49.75 -3.43 -20.53
C SER J 73 -49.15 -2.27 -19.74
N GLU J 74 -47.84 -2.13 -19.77
CA GLU J 74 -47.13 -1.18 -18.92
C GLU J 74 -47.53 0.28 -19.15
N ASP J 75 -47.23 1.13 -18.16
CA ASP J 75 -47.60 2.55 -18.14
C ASP J 75 -46.40 3.43 -18.57
N PRO J 76 -46.54 4.21 -19.67
CA PRO J 76 -45.45 5.05 -20.16
C PRO J 76 -45.13 6.17 -19.20
N TRP J 77 -46.15 6.69 -18.51
CA TRP J 77 -45.94 7.73 -17.50
C TRP J 77 -45.20 7.17 -16.30
N GLU J 78 -45.61 5.98 -15.86
CA GLU J 78 -44.96 5.30 -14.74
C GLU J 78 -43.50 5.03 -15.07
N GLN J 79 -43.26 4.47 -16.25
CA GLN J 79 -41.91 4.09 -16.66
C GLN J 79 -40.96 5.28 -16.78
N HIS J 80 -41.46 6.44 -17.21
CA HIS J 80 -40.58 7.62 -17.31
C HIS J 80 -40.02 7.95 -15.93
N ALA J 81 -40.91 8.29 -15.01
CA ALA J 81 -40.56 8.55 -13.60
C ALA J 81 -39.63 7.50 -13.00
N LYS J 82 -39.81 6.25 -13.38
CA LYS J 82 -39.06 5.15 -12.78
C LYS J 82 -37.57 5.19 -13.12
N TRP J 83 -37.23 5.37 -14.39
CA TRP J 83 -35.82 5.27 -14.79
C TRP J 83 -35.13 6.63 -15.00
N TYR J 84 -35.92 7.69 -15.19
CA TYR J 84 -35.39 9.03 -15.52
C TYR J 84 -35.96 10.18 -14.65
N PRO J 85 -35.82 10.07 -13.32
CA PRO J 85 -36.55 11.02 -12.48
C PRO J 85 -36.01 12.46 -12.57
N GLY J 86 -34.92 12.65 -13.30
CA GLY J 86 -34.30 13.98 -13.43
C GLY J 86 -34.79 14.72 -14.66
N CYS J 87 -35.79 14.16 -15.33
CA CYS J 87 -36.33 14.75 -16.55
C CYS J 87 -37.15 15.98 -16.21
N LYS J 88 -36.81 17.09 -16.86
CA LYS J 88 -37.53 18.34 -16.60
C LYS J 88 -38.86 18.41 -17.34
N TYR J 89 -39.01 17.58 -18.38
CA TYR J 89 -40.30 17.47 -19.06
C TYR J 89 -41.35 16.75 -18.20
N LEU J 90 -40.95 15.64 -17.57
CA LEU J 90 -41.84 14.85 -16.72
C LEU J 90 -42.41 15.65 -15.53
N LEU J 91 -41.52 16.36 -14.84
CA LEU J 91 -41.85 17.22 -13.69
C LEU J 91 -42.81 18.35 -14.09
N GLU J 92 -42.69 18.80 -15.34
CA GLU J 92 -43.53 19.89 -15.85
C GLU J 92 -44.91 19.41 -16.31
N GLN J 93 -45.13 18.09 -16.35
CA GLN J 93 -46.44 17.55 -16.71
C GLN J 93 -47.11 16.82 -15.53
N LYS J 94 -46.30 16.08 -14.75
CA LYS J 94 -46.81 15.25 -13.64
C LYS J 94 -46.36 15.69 -12.23
N GLY J 95 -45.33 16.52 -12.14
CA GLY J 95 -44.90 17.11 -10.87
C GLY J 95 -44.07 16.18 -9.99
N GLN J 96 -43.16 16.77 -9.21
CA GLN J 96 -42.20 16.00 -8.37
C GLN J 96 -42.86 14.98 -7.46
N GLU J 97 -44.01 15.34 -6.90
CA GLU J 97 -44.75 14.43 -6.03
C GLU J 97 -45.01 13.05 -6.65
N TYR J 98 -45.39 13.05 -7.93
CA TYR J 98 -45.62 11.84 -8.72
C TYR J 98 -44.35 11.04 -8.98
N ILE J 99 -43.27 11.74 -9.35
CA ILE J 99 -41.96 11.15 -9.48
C ILE J 99 -41.64 10.40 -8.20
N ASN J 100 -41.57 11.13 -7.10
CA ASN J 100 -41.18 10.61 -5.78
C ASN J 100 -42.05 9.46 -5.32
N ASN J 101 -43.31 9.51 -5.71
CA ASN J 101 -44.29 8.46 -5.43
C ASN J 101 -43.78 7.10 -5.92
N ILE J 102 -43.44 7.04 -7.20
CA ILE J 102 -43.06 5.81 -7.87
C ILE J 102 -41.81 5.26 -7.24
N HIS J 103 -40.85 6.12 -6.96
CA HIS J 103 -39.60 5.67 -6.35
C HIS J 103 -39.75 5.26 -4.90
N LEU J 104 -40.71 5.86 -4.21
CA LEU J 104 -40.96 5.55 -2.81
C LEU J 104 -41.66 4.19 -2.62
N THR J 105 -42.70 3.91 -3.43
CA THR J 105 -43.33 2.57 -3.44
C THR J 105 -42.32 1.45 -3.73
N HIS J 106 -41.35 1.77 -4.59
CA HIS J 106 -40.30 0.83 -4.99
C HIS J 106 -39.26 0.61 -3.88
N SER J 107 -39.10 1.61 -3.02
CA SER J 107 -38.18 1.52 -1.90
C SER J 107 -38.87 0.95 -0.67
N LEU J 108 -40.19 1.16 -0.60
CA LEU J 108 -41.04 0.55 0.43
C LEU J 108 -41.18 -0.96 0.18
N GLU J 109 -41.38 -1.34 -1.08
CA GLU J 109 -41.59 -2.74 -1.42
C GLU J 109 -40.31 -3.58 -1.36
N GLU J 110 -39.16 -2.95 -1.64
CA GLU J 110 -37.87 -3.65 -1.50
C GLU J 110 -37.49 -3.85 -0.03
N CYS J 111 -37.95 -2.95 0.84
CA CYS J 111 -37.62 -3.05 2.26
C CYS J 111 -38.47 -4.06 3.04
N LEU J 112 -39.29 -4.84 2.34
CA LEU J 112 -40.10 -5.86 2.98
C LEU J 112 -39.75 -7.27 2.44
N VAL J 113 -38.79 -7.97 3.05
CA VAL J 113 -37.88 -7.43 4.08
C VAL J 113 -36.53 -7.10 3.44
#